data_8B5Q
#
_entry.id   8B5Q
#
_cell.length_a   41.928
_cell.length_b   108.441
_cell.length_c   92.358
_cell.angle_alpha   90.00
_cell.angle_beta   90.11
_cell.angle_gamma   90.00
#
_symmetry.space_group_name_H-M   'P 1 21 1'
#
loop_
_entity.id
_entity.type
_entity.pdbx_description
1 polymer 'UDP-glucose:(Heptosyl) LPS alpha 1,3-glucosyltransferase WaaG'
2 non-polymer "URIDINE-5'-MONOPHOSPHATE"
3 water water
#
_entity_poly.entity_id   1
_entity_poly.type   'polypeptide(L)'
_entity_poly.pdbx_seq_one_letter_code
;MATLAFILYKYFPFGGLQRDFMRIALECQRRGHDIRVYTLIWEGDVPDGFEVLVAPVRSIFNHRRNEKFTAWVRADLDRR
PVQRVIGFNKMPGLDVYYAADACFEEKAQTLRNPLYRQWGRYRHFAGYERAVFDPASKTEILMISEVQQPLFVKHYGTQA
ERFHLLPPGISQDRRAPANAADVRAEFRREFGLEEDDLLLVQIGSGFKTKGLDRSLKALSALPKALRRRTRLIAIGQDDP
KPFLLQIAALGLNDQVQILKGRSDIPRFLLGADLLIHPAYNENTGTVLLEALVSGLPVLVTDVCGYAHYIAEADAGRVLP
SPFEQDSLNRLLAEMLEDAPARAAWSRNGLAYADHADLYSMPQRAADLILG
;
_entity_poly.pdbx_strand_id   A,B
#
# COMPACT_ATOMS: atom_id res chain seq x y z
N ALA A 2 0.92 -12.85 18.75
CA ALA A 2 1.61 -13.50 17.60
C ALA A 2 0.52 -13.98 16.64
N THR A 3 -0.05 -15.18 16.90
CA THR A 3 -0.72 -15.95 15.85
C THR A 3 -2.21 -15.58 15.74
N LEU A 4 -2.66 -15.51 14.48
CA LEU A 4 -4.05 -15.31 14.13
C LEU A 4 -4.52 -16.56 13.36
N ALA A 5 -5.67 -17.07 13.79
CA ALA A 5 -6.33 -18.14 13.10
C ALA A 5 -7.40 -17.49 12.23
N PHE A 6 -7.31 -17.79 10.92
CA PHE A 6 -8.33 -17.41 9.95
C PHE A 6 -9.03 -18.70 9.56
N ILE A 7 -10.37 -18.64 9.48
CA ILE A 7 -11.19 -19.78 9.15
C ILE A 7 -12.11 -19.44 7.98
N LEU A 8 -12.02 -20.27 6.93
CA LEU A 8 -12.97 -20.27 5.84
C LEU A 8 -13.07 -21.70 5.28
N TYR A 9 -14.27 -22.09 4.83
CA TYR A 9 -14.53 -23.41 4.29
C TYR A 9 -13.67 -23.73 3.08
N LYS A 10 -13.42 -22.77 2.18
CA LYS A 10 -12.70 -23.03 0.96
C LYS A 10 -11.86 -21.81 0.62
N TYR A 11 -10.58 -22.07 0.31
CA TYR A 11 -9.75 -21.09 -0.36
C TYR A 11 -9.56 -21.45 -1.83
N PHE A 12 -9.78 -20.43 -2.67
CA PHE A 12 -9.45 -20.47 -4.08
C PHE A 12 -9.32 -19.01 -4.49
N PRO A 13 -8.51 -18.67 -5.52
CA PRO A 13 -8.29 -17.26 -5.87
C PRO A 13 -9.43 -16.46 -6.50
N PHE A 14 -10.46 -17.11 -7.05
CA PHE A 14 -11.46 -16.43 -7.88
C PHE A 14 -12.81 -16.28 -7.16
N GLY A 15 -12.78 -15.85 -5.89
CA GLY A 15 -13.98 -15.63 -5.11
C GLY A 15 -13.81 -14.38 -4.25
N GLY A 16 -14.91 -13.72 -3.90
CA GLY A 16 -14.82 -12.42 -3.28
C GLY A 16 -14.53 -12.57 -1.80
N LEU A 17 -15.22 -13.50 -1.15
CA LEU A 17 -14.90 -13.95 0.21
C LEU A 17 -13.40 -14.30 0.39
N GLN A 18 -12.87 -15.07 -0.56
CA GLN A 18 -11.48 -15.56 -0.58
C GLN A 18 -10.44 -14.44 -0.75
N ARG A 19 -10.68 -13.56 -1.74
CA ARG A 19 -9.85 -12.38 -1.99
C ARG A 19 -9.92 -11.39 -0.82
N ASP A 20 -11.08 -11.23 -0.17
CA ASP A 20 -11.18 -10.36 1.01
C ASP A 20 -10.36 -10.96 2.16
N PHE A 21 -10.55 -12.25 2.41
CA PHE A 21 -9.76 -12.99 3.38
C PHE A 21 -8.27 -12.80 3.10
N MET A 22 -7.87 -12.98 1.84
CA MET A 22 -6.44 -12.93 1.52
C MET A 22 -5.87 -11.52 1.74
N ARG A 23 -6.61 -10.48 1.39
CA ARG A 23 -6.11 -9.12 1.59
C ARG A 23 -6.05 -8.79 3.10
N ILE A 24 -6.95 -9.37 3.91
CA ILE A 24 -6.93 -9.10 5.36
C ILE A 24 -5.78 -9.86 6.03
N ALA A 25 -5.65 -11.15 5.71
CA ALA A 25 -4.54 -11.98 6.20
C ALA A 25 -3.19 -11.31 5.86
N LEU A 26 -3.04 -10.79 4.65
CA LEU A 26 -1.76 -10.23 4.21
C LEU A 26 -1.46 -8.96 4.98
N GLU A 27 -2.51 -8.18 5.29
CA GLU A 27 -2.38 -6.93 6.02
C GLU A 27 -2.01 -7.23 7.47
N CYS A 28 -2.63 -8.27 8.06
CA CYS A 28 -2.25 -8.66 9.41
C CYS A 28 -0.77 -9.12 9.47
N GLN A 29 -0.36 -9.97 8.51
CA GLN A 29 1.01 -10.46 8.38
C GLN A 29 2.00 -9.28 8.28
N ARG A 30 1.63 -8.20 7.57
CA ARG A 30 2.51 -7.03 7.46
C ARG A 30 2.64 -6.28 8.79
N ARG A 31 1.73 -6.53 9.75
CA ARG A 31 1.80 -5.78 11.01
C ARG A 31 2.51 -6.62 12.07
N GLY A 32 3.06 -7.77 11.67
CA GLY A 32 3.93 -8.51 12.56
C GLY A 32 3.38 -9.85 13.02
N HIS A 33 2.19 -10.26 12.54
CA HIS A 33 1.55 -11.48 13.02
C HIS A 33 1.79 -12.71 12.16
N ASP A 34 1.88 -13.84 12.87
CA ASP A 34 1.81 -15.17 12.27
C ASP A 34 0.37 -15.48 11.81
N ILE A 35 0.27 -16.21 10.69
CA ILE A 35 -1.00 -16.49 10.05
C ILE A 35 -1.19 -18.00 9.95
N ARG A 36 -2.23 -18.48 10.64
CA ARG A 36 -2.69 -19.85 10.49
C ARG A 36 -4.04 -19.83 9.81
N VAL A 37 -4.23 -20.74 8.86
CA VAL A 37 -5.49 -20.85 8.15
C VAL A 37 -6.06 -22.25 8.35
N TYR A 38 -7.32 -22.33 8.78
CA TYR A 38 -8.05 -23.59 8.79
C TYR A 38 -9.12 -23.63 7.69
N THR A 39 -9.13 -24.72 6.94
CA THR A 39 -9.94 -24.78 5.73
C THR A 39 -10.20 -26.23 5.32
N LEU A 40 -11.27 -26.44 4.52
CA LEU A 40 -11.55 -27.74 3.92
C LEU A 40 -10.77 -27.91 2.62
N ILE A 41 -10.41 -26.81 1.96
CA ILE A 41 -9.66 -26.93 0.73
C ILE A 41 -8.90 -25.61 0.53
N TRP A 42 -7.70 -25.77 -0.05
CA TRP A 42 -6.86 -24.66 -0.47
C TRP A 42 -6.35 -24.92 -1.88
N GLU A 43 -6.87 -24.14 -2.85
CA GLU A 43 -6.38 -24.13 -4.22
C GLU A 43 -5.47 -22.92 -4.44
N GLY A 44 -4.38 -23.15 -5.16
CA GLY A 44 -3.49 -22.07 -5.54
C GLY A 44 -2.33 -22.02 -4.58
N ASP A 45 -1.47 -21.01 -4.78
CA ASP A 45 -0.23 -20.87 -4.01
C ASP A 45 -0.54 -20.52 -2.56
N VAL A 46 0.34 -20.99 -1.66
CA VAL A 46 0.30 -20.67 -0.25
C VAL A 46 1.28 -19.52 -0.03
N PRO A 47 0.81 -18.31 0.35
CA PRO A 47 1.75 -17.23 0.62
C PRO A 47 2.79 -17.68 1.64
N ASP A 48 3.97 -17.10 1.49
CA ASP A 48 5.09 -17.24 2.39
C ASP A 48 4.62 -16.92 3.81
N GLY A 49 4.84 -17.84 4.76
CA GLY A 49 4.59 -17.60 6.19
C GLY A 49 3.19 -18.01 6.68
N PHE A 50 2.31 -18.39 5.77
CA PHE A 50 0.97 -18.88 6.11
C PHE A 50 1.03 -20.37 6.47
N GLU A 51 0.60 -20.71 7.69
CA GLU A 51 0.42 -22.11 8.06
C GLU A 51 -1.02 -22.53 7.73
N VAL A 52 -1.21 -23.30 6.66
CA VAL A 52 -2.51 -23.68 6.15
C VAL A 52 -2.83 -25.12 6.56
N LEU A 53 -3.87 -25.33 7.37
CA LEU A 53 -4.24 -26.67 7.79
C LEU A 53 -5.51 -27.05 7.04
N VAL A 54 -5.42 -28.10 6.23
CA VAL A 54 -6.53 -28.62 5.46
C VAL A 54 -7.14 -29.76 6.28
N ALA A 55 -8.43 -29.65 6.63
CA ALA A 55 -9.10 -30.59 7.51
C ALA A 55 -9.25 -31.93 6.79
N PRO A 56 -9.09 -33.10 7.47
CA PRO A 56 -9.27 -34.41 6.81
C PRO A 56 -10.67 -35.01 7.01
N VAL A 57 -11.62 -34.15 7.39
CA VAL A 57 -12.96 -34.54 7.77
C VAL A 57 -13.76 -34.85 6.50
N ARG A 58 -14.78 -35.72 6.63
CA ARG A 58 -15.53 -36.24 5.50
C ARG A 58 -17.00 -36.44 5.90
N SER A 59 -17.92 -36.27 4.93
CA SER A 59 -19.31 -36.59 5.15
C SER A 59 -20.02 -36.35 3.85
N ILE A 60 -21.02 -37.20 3.54
CA ILE A 60 -21.77 -37.03 2.29
C ILE A 60 -22.45 -35.66 2.27
N PHE A 61 -22.93 -35.17 3.42
CA PHE A 61 -23.65 -33.90 3.48
C PHE A 61 -22.68 -32.81 3.90
N ASN A 62 -22.71 -31.70 3.15
CA ASN A 62 -21.90 -30.52 3.42
C ASN A 62 -22.07 -30.02 4.85
N HIS A 63 -23.32 -29.89 5.30
CA HIS A 63 -23.59 -29.30 6.61
C HIS A 63 -22.96 -30.16 7.72
N ARG A 64 -22.90 -31.48 7.50
CA ARG A 64 -22.34 -32.40 8.47
C ARG A 64 -20.81 -32.39 8.37
N ARG A 65 -20.30 -32.22 7.14
CA ARG A 65 -18.88 -32.01 6.91
C ARG A 65 -18.46 -30.80 7.74
N ASN A 66 -19.29 -29.74 7.70
CA ASN A 66 -18.98 -28.49 8.38
C ASN A 66 -18.89 -28.69 9.89
N GLU A 67 -19.83 -29.45 10.45
CA GLU A 67 -19.83 -29.76 11.87
C GLU A 67 -18.54 -30.49 12.28
N LYS A 68 -18.09 -31.48 11.48
CA LYS A 68 -16.87 -32.22 11.82
C LYS A 68 -15.63 -31.34 11.71
N PHE A 69 -15.70 -30.39 10.77
CA PHE A 69 -14.71 -29.35 10.59
C PHE A 69 -14.58 -28.52 11.86
N THR A 70 -15.68 -28.05 12.46
N THR A 70 -15.69 -28.06 12.44
CA THR A 70 -15.56 -27.23 13.66
CA THR A 70 -15.65 -27.26 13.65
C THR A 70 -15.01 -28.03 14.85
C THR A 70 -15.03 -28.03 14.82
N ALA A 71 -15.33 -29.33 14.91
CA ALA A 71 -14.77 -30.19 15.96
C ALA A 71 -13.26 -30.37 15.73
N TRP A 72 -12.88 -30.64 14.50
CA TRP A 72 -11.47 -30.84 14.18
C TRP A 72 -10.67 -29.56 14.49
N VAL A 73 -11.16 -28.40 14.01
CA VAL A 73 -10.53 -27.12 14.26
C VAL A 73 -10.39 -26.85 15.75
N ARG A 74 -11.47 -27.06 16.51
CA ARG A 74 -11.48 -26.72 17.93
C ARG A 74 -10.49 -27.59 18.72
N ALA A 75 -10.38 -28.88 18.36
CA ALA A 75 -9.39 -29.75 18.98
C ALA A 75 -8.01 -29.11 18.83
N ASP A 76 -7.68 -28.74 17.58
CA ASP A 76 -6.37 -28.18 17.25
C ASP A 76 -6.08 -26.88 18.00
N LEU A 77 -7.04 -25.95 18.08
CA LEU A 77 -6.84 -24.71 18.83
C LEU A 77 -6.71 -24.94 20.33
N ASP A 78 -7.38 -26.00 20.84
CA ASP A 78 -7.35 -26.32 22.26
C ASP A 78 -5.90 -26.68 22.62
N ARG A 79 -5.24 -27.39 21.70
CA ARG A 79 -3.88 -27.88 21.90
C ARG A 79 -2.83 -26.82 21.49
N ARG A 80 -3.12 -26.01 20.47
CA ARG A 80 -2.19 -25.00 19.97
C ARG A 80 -2.88 -23.64 19.91
N PRO A 81 -3.10 -22.97 21.06
CA PRO A 81 -3.95 -21.78 21.09
C PRO A 81 -3.35 -20.64 20.26
N VAL A 82 -4.19 -19.63 19.96
CA VAL A 82 -3.82 -18.47 19.15
C VAL A 82 -4.41 -17.26 19.83
N GLN A 83 -4.08 -16.05 19.38
CA GLN A 83 -4.50 -14.83 20.07
C GLN A 83 -5.90 -14.37 19.66
N ARG A 84 -6.26 -14.63 18.39
CA ARG A 84 -7.57 -14.20 17.90
C ARG A 84 -8.00 -15.10 16.74
N VAL A 85 -9.29 -15.42 16.75
CA VAL A 85 -9.87 -16.32 15.76
C VAL A 85 -10.84 -15.51 14.89
N ILE A 86 -10.57 -15.49 13.56
CA ILE A 86 -11.37 -14.72 12.62
C ILE A 86 -11.98 -15.69 11.60
N GLY A 87 -13.33 -15.70 11.54
CA GLY A 87 -14.04 -16.52 10.58
C GLY A 87 -14.60 -15.72 9.39
N PHE A 88 -14.62 -16.39 8.22
CA PHE A 88 -15.25 -15.92 6.99
C PHE A 88 -16.51 -16.69 6.67
N ASN A 89 -16.81 -17.69 7.51
CA ASN A 89 -18.04 -18.49 7.42
C ASN A 89 -18.63 -18.53 8.82
N LYS A 90 -19.97 -18.59 8.90
CA LYS A 90 -20.66 -18.56 10.21
C LYS A 90 -20.50 -19.90 10.94
N MET A 91 -20.01 -19.87 12.17
CA MET A 91 -19.81 -21.09 12.95
C MET A 91 -19.49 -20.68 14.38
N PRO A 92 -19.52 -21.62 15.37
CA PRO A 92 -19.12 -21.32 16.75
C PRO A 92 -17.61 -21.12 16.84
N GLY A 93 -17.14 -20.43 17.90
CA GLY A 93 -15.74 -20.36 18.24
C GLY A 93 -15.01 -19.16 17.59
N LEU A 94 -15.76 -18.19 17.04
CA LEU A 94 -15.20 -17.03 16.33
C LEU A 94 -15.17 -15.85 17.31
N ASP A 95 -14.00 -15.21 17.45
CA ASP A 95 -13.90 -13.90 18.08
C ASP A 95 -14.37 -12.80 17.14
N VAL A 96 -14.14 -12.98 15.83
CA VAL A 96 -14.51 -12.01 14.79
C VAL A 96 -15.11 -12.75 13.61
N TYR A 97 -16.25 -12.27 13.10
CA TYR A 97 -16.86 -12.87 11.91
C TYR A 97 -16.97 -11.79 10.85
N TYR A 98 -16.50 -12.12 9.65
CA TYR A 98 -16.53 -11.26 8.48
C TYR A 98 -17.71 -11.65 7.61
N ALA A 99 -18.73 -10.77 7.56
CA ALA A 99 -20.05 -11.07 7.03
C ALA A 99 -20.04 -11.02 5.50
N ALA A 100 -19.45 -12.04 4.89
CA ALA A 100 -19.44 -12.21 3.46
C ALA A 100 -20.74 -12.84 2.96
N ASP A 101 -21.60 -13.34 3.84
CA ASP A 101 -22.92 -13.84 3.46
C ASP A 101 -24.01 -12.92 4.05
N ALA A 102 -25.18 -12.85 3.36
CA ALA A 102 -26.39 -12.22 3.87
C ALA A 102 -26.96 -13.07 5.01
N CYS A 103 -28.05 -12.55 5.59
CA CYS A 103 -28.78 -13.23 6.64
C CYS A 103 -29.49 -14.45 6.07
N PHE A 104 -29.17 -15.62 6.63
CA PHE A 104 -29.73 -16.90 6.20
C PHE A 104 -31.19 -17.06 6.65
N GLU A 105 -31.48 -16.72 7.92
CA GLU A 105 -32.84 -16.85 8.43
C GLU A 105 -33.79 -16.05 7.55
N GLU A 106 -33.41 -14.80 7.20
CA GLU A 106 -34.22 -13.96 6.33
C GLU A 106 -34.56 -14.69 5.02
N LYS A 107 -33.53 -15.24 4.34
CA LYS A 107 -33.77 -15.90 3.06
C LYS A 107 -34.53 -17.24 3.23
N ALA A 108 -34.40 -17.90 4.39
CA ALA A 108 -35.10 -19.16 4.66
C ALA A 108 -36.61 -18.97 4.83
N GLN A 109 -37.05 -17.76 5.17
CA GLN A 109 -38.47 -17.48 5.34
C GLN A 109 -39.11 -17.05 4.02
N THR A 110 -38.42 -17.25 2.87
CA THR A 110 -38.95 -16.99 1.54
C THR A 110 -39.10 -18.33 0.80
N ARG A 117 -37.36 -26.58 7.01
CA ARG A 117 -37.16 -26.14 8.42
C ARG A 117 -36.94 -27.33 9.37
N GLN A 118 -37.43 -28.52 8.95
CA GLN A 118 -37.15 -29.79 9.58
C GLN A 118 -35.92 -30.44 8.93
N TRP A 119 -35.53 -29.89 7.76
CA TRP A 119 -34.31 -30.24 7.04
C TRP A 119 -33.08 -30.18 7.94
N GLY A 120 -32.19 -31.15 7.73
CA GLY A 120 -30.91 -31.17 8.43
C GLY A 120 -30.10 -29.93 8.03
N ARG A 121 -30.21 -29.55 6.75
CA ARG A 121 -29.48 -28.41 6.19
C ARG A 121 -29.92 -27.10 6.87
N TYR A 122 -31.23 -26.80 6.84
CA TYR A 122 -31.75 -25.58 7.42
C TYR A 122 -31.34 -25.50 8.87
N ARG A 123 -31.58 -26.57 9.63
CA ARG A 123 -31.28 -26.59 11.05
C ARG A 123 -29.80 -26.28 11.28
N HIS A 124 -28.91 -26.92 10.51
CA HIS A 124 -27.47 -26.68 10.64
C HIS A 124 -27.13 -25.21 10.37
N PHE A 125 -27.62 -24.67 9.25
CA PHE A 125 -27.22 -23.32 8.83
C PHE A 125 -27.81 -22.23 9.74
N ALA A 126 -29.00 -22.44 10.33
CA ALA A 126 -29.58 -21.45 11.24
C ALA A 126 -28.89 -21.51 12.59
N GLY A 127 -28.50 -22.74 12.98
CA GLY A 127 -27.82 -22.93 14.24
C GLY A 127 -26.43 -22.27 14.24
N TYR A 128 -25.74 -22.41 13.11
CA TYR A 128 -24.41 -21.83 12.93
C TYR A 128 -24.49 -20.29 12.79
N GLU A 129 -25.52 -19.77 12.13
CA GLU A 129 -25.75 -18.33 12.12
C GLU A 129 -26.01 -17.82 13.54
N ARG A 130 -26.87 -18.52 14.26
CA ARG A 130 -27.21 -18.14 15.62
C ARG A 130 -25.97 -18.16 16.52
N ALA A 131 -25.05 -19.11 16.30
CA ALA A 131 -23.86 -19.22 17.15
C ALA A 131 -23.06 -17.92 17.11
N VAL A 132 -23.01 -17.32 15.92
CA VAL A 132 -22.44 -16.01 15.73
C VAL A 132 -23.34 -14.92 16.32
N PHE A 133 -24.62 -14.86 15.94
CA PHE A 133 -25.39 -13.62 16.10
C PHE A 133 -26.27 -13.58 17.35
N ASP A 134 -26.42 -14.69 18.08
CA ASP A 134 -27.20 -14.69 19.31
C ASP A 134 -26.64 -13.70 20.33
N PRO A 135 -27.51 -12.92 21.01
CA PRO A 135 -27.02 -11.96 22.00
C PRO A 135 -26.05 -12.50 23.06
N ALA A 136 -26.02 -13.83 23.30
CA ALA A 136 -25.11 -14.36 24.30
C ALA A 136 -23.73 -14.62 23.68
N SER A 137 -23.63 -14.58 22.33
CA SER A 137 -22.36 -14.75 21.63
C SER A 137 -21.51 -13.48 21.81
N LYS A 138 -20.18 -13.67 22.00
CA LYS A 138 -19.18 -12.60 22.04
C LYS A 138 -18.58 -12.25 20.66
N THR A 139 -18.94 -12.97 19.60
CA THR A 139 -18.43 -12.70 18.27
C THR A 139 -18.65 -11.25 17.84
N GLU A 140 -17.55 -10.58 17.47
CA GLU A 140 -17.59 -9.26 16.84
C GLU A 140 -17.81 -9.43 15.34
N ILE A 141 -18.65 -8.57 14.74
CA ILE A 141 -19.10 -8.74 13.37
C ILE A 141 -18.63 -7.54 12.52
N LEU A 142 -17.96 -7.88 11.39
CA LEU A 142 -17.52 -6.96 10.35
C LEU A 142 -18.50 -7.05 9.19
N MET A 143 -19.29 -5.98 9.06
CA MET A 143 -20.35 -5.92 8.09
C MET A 143 -19.77 -5.29 6.83
N ILE A 144 -20.23 -5.75 5.67
CA ILE A 144 -19.90 -5.13 4.41
C ILE A 144 -21.18 -4.73 3.67
N SER A 145 -22.32 -5.37 3.94
CA SER A 145 -23.60 -4.88 3.41
C SER A 145 -24.37 -4.18 4.52
N GLU A 146 -24.58 -2.85 4.40
CA GLU A 146 -25.20 -2.11 5.50
C GLU A 146 -26.60 -2.63 5.75
N VAL A 147 -27.24 -3.09 4.67
CA VAL A 147 -28.65 -3.41 4.61
C VAL A 147 -28.94 -4.69 5.41
N GLN A 148 -27.93 -5.52 5.65
CA GLN A 148 -28.17 -6.82 6.26
C GLN A 148 -28.17 -6.69 7.78
N GLN A 149 -27.55 -5.62 8.33
CA GLN A 149 -27.45 -5.47 9.78
C GLN A 149 -28.84 -5.53 10.44
N PRO A 150 -29.87 -4.77 9.98
CA PRO A 150 -31.20 -4.84 10.57
C PRO A 150 -31.89 -6.21 10.44
N LEU A 151 -31.54 -6.93 9.37
CA LEU A 151 -32.06 -8.27 9.19
C LEU A 151 -31.48 -9.20 10.26
N PHE A 152 -30.19 -9.07 10.57
CA PHE A 152 -29.60 -9.89 11.62
C PHE A 152 -30.21 -9.53 12.96
N VAL A 153 -30.42 -8.21 13.19
CA VAL A 153 -30.97 -7.73 14.47
C VAL A 153 -32.40 -8.26 14.58
N LYS A 154 -33.16 -8.21 13.48
CA LYS A 154 -34.52 -8.69 13.48
C LYS A 154 -34.62 -10.17 13.87
N HIS A 155 -33.66 -10.98 13.40
CA HIS A 155 -33.75 -12.42 13.60
C HIS A 155 -33.13 -12.86 14.92
N TYR A 156 -32.22 -12.07 15.49
CA TYR A 156 -31.39 -12.63 16.53
C TYR A 156 -31.35 -11.70 17.74
N GLY A 157 -31.53 -10.40 17.52
CA GLY A 157 -31.53 -9.45 18.62
C GLY A 157 -30.13 -8.96 18.93
N THR A 158 -29.25 -9.06 17.92
CA THR A 158 -27.83 -8.84 18.13
C THR A 158 -27.59 -7.41 18.59
N GLN A 159 -26.65 -7.22 19.53
CA GLN A 159 -26.36 -5.90 20.08
C GLN A 159 -25.76 -4.98 19.00
N ALA A 160 -26.21 -3.72 18.96
CA ALA A 160 -25.70 -2.72 18.02
C ALA A 160 -24.17 -2.59 18.08
N GLU A 161 -23.64 -2.59 19.29
N GLU A 161 -23.60 -2.56 19.29
CA GLU A 161 -22.23 -2.33 19.54
CA GLU A 161 -22.18 -2.30 19.47
C GLU A 161 -21.31 -3.45 19.02
C GLU A 161 -21.30 -3.43 18.94
N ARG A 162 -21.90 -4.56 18.55
CA ARG A 162 -21.15 -5.70 18.03
C ARG A 162 -20.96 -5.65 16.51
N PHE A 163 -21.54 -4.66 15.81
CA PHE A 163 -21.46 -4.57 14.35
C PHE A 163 -20.52 -3.43 13.95
N HIS A 164 -19.67 -3.65 12.95
CA HIS A 164 -18.74 -2.62 12.47
C HIS A 164 -18.72 -2.68 10.94
N LEU A 165 -19.17 -1.61 10.30
CA LEU A 165 -19.35 -1.56 8.87
C LEU A 165 -18.03 -1.15 8.24
N LEU A 166 -17.61 -1.91 7.22
CA LEU A 166 -16.36 -1.65 6.52
C LEU A 166 -16.71 -1.03 5.17
N PRO A 167 -15.77 -0.25 4.57
CA PRO A 167 -15.88 0.18 3.17
C PRO A 167 -15.60 -1.00 2.25
N PRO A 168 -15.86 -0.85 0.93
CA PRO A 168 -15.40 -1.86 -0.04
C PRO A 168 -13.89 -2.03 -0.03
N GLY A 169 -13.45 -3.15 -0.63
CA GLY A 169 -12.05 -3.56 -0.66
C GLY A 169 -11.58 -3.91 -2.07
N ILE A 170 -11.93 -3.09 -3.05
CA ILE A 170 -11.46 -3.33 -4.41
C ILE A 170 -9.92 -3.22 -4.44
N SER A 171 -9.23 -4.14 -5.16
CA SER A 171 -7.78 -4.14 -5.25
C SER A 171 -7.31 -3.19 -6.37
N GLN A 172 -6.05 -2.72 -6.29
CA GLN A 172 -5.59 -1.57 -7.06
C GLN A 172 -5.53 -1.94 -8.54
N ASP A 173 -5.23 -3.20 -8.81
CA ASP A 173 -5.13 -3.68 -10.18
C ASP A 173 -6.49 -3.65 -10.90
N ARG A 174 -7.61 -3.43 -10.19
CA ARG A 174 -8.89 -3.27 -10.87
C ARG A 174 -9.04 -1.86 -11.43
N ARG A 175 -8.29 -0.91 -10.87
CA ARG A 175 -8.34 0.48 -11.29
C ARG A 175 -7.82 0.64 -12.72
N ALA A 176 -8.50 1.49 -13.49
CA ALA A 176 -8.19 1.63 -14.91
C ALA A 176 -6.74 2.13 -15.02
N PRO A 177 -5.87 1.56 -15.86
CA PRO A 177 -4.47 2.02 -15.87
C PRO A 177 -4.33 3.21 -16.83
N ALA A 178 -3.17 3.88 -16.81
CA ALA A 178 -2.94 5.02 -17.70
C ALA A 178 -3.05 4.58 -19.16
N ASN A 179 -2.70 3.32 -19.49
CA ASN A 179 -2.84 2.77 -20.85
C ASN A 179 -4.12 1.95 -21.09
N ALA A 180 -5.28 2.35 -20.53
CA ALA A 180 -6.49 1.54 -20.62
C ALA A 180 -6.85 1.27 -22.07
N ALA A 181 -6.72 2.30 -22.93
CA ALA A 181 -7.07 2.23 -24.35
C ALA A 181 -6.36 1.07 -25.05
N ASP A 182 -5.05 0.88 -24.75
CA ASP A 182 -4.24 -0.15 -25.35
C ASP A 182 -4.58 -1.52 -24.77
N VAL A 183 -4.82 -1.59 -23.45
CA VAL A 183 -5.22 -2.84 -22.84
C VAL A 183 -6.52 -3.32 -23.47
N ARG A 184 -7.48 -2.41 -23.65
CA ARG A 184 -8.76 -2.70 -24.30
C ARG A 184 -8.54 -3.18 -25.75
N ALA A 185 -7.69 -2.46 -26.49
CA ALA A 185 -7.43 -2.75 -27.91
C ALA A 185 -6.85 -4.15 -28.09
N GLU A 186 -5.87 -4.47 -27.24
CA GLU A 186 -5.20 -5.77 -27.25
C GLU A 186 -6.17 -6.90 -26.84
N PHE A 187 -7.03 -6.65 -25.83
CA PHE A 187 -8.04 -7.60 -25.43
C PHE A 187 -9.05 -7.82 -26.56
N ARG A 188 -9.51 -6.73 -27.16
CA ARG A 188 -10.52 -6.84 -28.19
C ARG A 188 -9.94 -7.58 -29.39
N ARG A 189 -8.64 -7.40 -29.65
CA ARG A 189 -7.99 -8.07 -30.76
C ARG A 189 -8.03 -9.58 -30.48
N GLU A 190 -7.59 -9.94 -29.28
CA GLU A 190 -7.47 -11.33 -28.90
C GLU A 190 -8.81 -12.06 -29.02
N PHE A 191 -9.92 -11.37 -28.70
CA PHE A 191 -11.22 -12.02 -28.66
C PHE A 191 -11.91 -11.82 -29.99
N GLY A 192 -11.34 -10.99 -30.89
CA GLY A 192 -11.90 -10.78 -32.21
C GLY A 192 -13.13 -9.86 -32.22
N LEU A 193 -13.13 -8.85 -31.35
CA LEU A 193 -14.19 -7.84 -31.27
C LEU A 193 -13.81 -6.56 -32.01
N GLU A 194 -14.60 -6.23 -33.05
CA GLU A 194 -14.43 -5.03 -33.84
C GLU A 194 -14.96 -3.85 -33.03
N GLU A 195 -14.69 -2.63 -33.51
CA GLU A 195 -15.18 -1.37 -32.92
C GLU A 195 -16.70 -1.33 -32.76
N ASP A 196 -17.46 -1.93 -33.70
CA ASP A 196 -18.91 -1.97 -33.63
C ASP A 196 -19.44 -3.21 -32.89
N ASP A 197 -18.58 -4.16 -32.48
CA ASP A 197 -19.08 -5.33 -31.76
C ASP A 197 -19.40 -4.88 -30.33
N LEU A 198 -20.39 -5.52 -29.72
CA LEU A 198 -20.73 -5.27 -28.32
C LEU A 198 -20.51 -6.56 -27.53
N LEU A 199 -19.75 -6.44 -26.42
CA LEU A 199 -19.48 -7.50 -25.49
C LEU A 199 -20.17 -7.26 -24.15
N LEU A 200 -21.06 -8.21 -23.77
CA LEU A 200 -21.57 -8.34 -22.42
C LEU A 200 -20.66 -9.28 -21.64
N VAL A 201 -20.34 -8.91 -20.38
CA VAL A 201 -19.66 -9.86 -19.52
C VAL A 201 -20.49 -10.12 -18.27
N GLN A 202 -20.58 -11.42 -17.92
CA GLN A 202 -21.09 -11.91 -16.64
C GLN A 202 -19.92 -12.51 -15.85
N ILE A 203 -19.54 -11.90 -14.74
CA ILE A 203 -18.29 -12.22 -14.05
C ILE A 203 -18.56 -12.68 -12.62
N GLY A 204 -18.07 -13.91 -12.33
CA GLY A 204 -17.99 -14.44 -10.99
C GLY A 204 -18.75 -15.77 -10.91
N SER A 205 -18.19 -16.70 -10.12
CA SER A 205 -18.74 -18.03 -9.90
C SER A 205 -20.12 -17.93 -9.24
N GLY A 206 -20.95 -18.94 -9.45
CA GLY A 206 -22.32 -18.91 -8.99
C GLY A 206 -23.23 -18.28 -10.04
N PHE A 207 -23.17 -18.80 -11.26
CA PHE A 207 -23.87 -18.22 -12.41
C PHE A 207 -25.38 -18.26 -12.20
N LYS A 208 -25.88 -19.31 -11.57
CA LYS A 208 -27.30 -19.50 -11.35
C LYS A 208 -27.85 -18.37 -10.48
N THR A 209 -27.29 -18.18 -9.28
CA THR A 209 -27.72 -17.12 -8.38
C THR A 209 -27.46 -15.70 -8.93
N LYS A 210 -26.36 -15.55 -9.72
CA LYS A 210 -25.94 -14.25 -10.25
C LYS A 210 -26.70 -13.95 -11.54
N GLY A 211 -27.58 -14.88 -11.93
CA GLY A 211 -28.60 -14.64 -12.93
C GLY A 211 -28.12 -14.81 -14.37
N LEU A 212 -27.19 -15.74 -14.64
CA LEU A 212 -26.77 -15.93 -16.02
C LEU A 212 -27.96 -16.36 -16.87
N ASP A 213 -28.92 -17.08 -16.30
CA ASP A 213 -30.03 -17.56 -17.09
C ASP A 213 -30.85 -16.37 -17.60
N ARG A 214 -31.01 -15.34 -16.77
CA ARG A 214 -31.70 -14.09 -17.13
C ARG A 214 -30.92 -13.26 -18.17
N SER A 215 -29.57 -13.14 -18.06
CA SER A 215 -28.69 -12.47 -19.01
C SER A 215 -28.78 -13.09 -20.41
N LEU A 216 -28.75 -14.44 -20.48
CA LEU A 216 -28.88 -15.15 -21.75
C LEU A 216 -30.22 -14.86 -22.42
N LYS A 217 -31.31 -14.90 -21.64
CA LYS A 217 -32.63 -14.56 -22.15
C LYS A 217 -32.67 -13.12 -22.65
N ALA A 218 -32.02 -12.17 -21.96
CA ALA A 218 -32.01 -10.78 -22.41
C ALA A 218 -31.20 -10.62 -23.71
N LEU A 219 -30.08 -11.36 -23.82
CA LEU A 219 -29.28 -11.34 -25.05
C LEU A 219 -30.11 -11.88 -26.23
N SER A 220 -30.85 -12.96 -25.98
CA SER A 220 -31.62 -13.61 -27.03
C SER A 220 -32.80 -12.72 -27.42
N ALA A 221 -33.34 -11.97 -26.47
CA ALA A 221 -34.52 -11.15 -26.74
C ALA A 221 -34.18 -9.86 -27.48
N LEU A 222 -32.90 -9.54 -27.69
CA LEU A 222 -32.53 -8.26 -28.29
C LEU A 222 -33.15 -8.12 -29.68
N PRO A 223 -33.47 -6.89 -30.17
CA PRO A 223 -33.76 -6.66 -31.59
C PRO A 223 -32.63 -7.18 -32.48
N LYS A 224 -33.01 -7.76 -33.65
CA LYS A 224 -32.11 -8.35 -34.64
C LYS A 224 -30.87 -7.47 -34.83
N ALA A 225 -31.03 -6.14 -34.98
CA ALA A 225 -29.91 -5.23 -35.28
C ALA A 225 -28.86 -5.26 -34.17
N LEU A 226 -29.28 -5.24 -32.89
CA LEU A 226 -28.36 -5.33 -31.77
C LEU A 226 -27.89 -6.77 -31.52
N ARG A 227 -28.80 -7.74 -31.63
CA ARG A 227 -28.49 -9.13 -31.34
C ARG A 227 -27.27 -9.58 -32.13
N ARG A 228 -27.27 -9.23 -33.43
CA ARG A 228 -26.22 -9.59 -34.37
C ARG A 228 -24.86 -9.06 -33.92
N ARG A 229 -24.83 -7.91 -33.26
CA ARG A 229 -23.55 -7.26 -32.96
C ARG A 229 -22.99 -7.65 -31.58
N THR A 230 -23.77 -8.42 -30.81
CA THR A 230 -23.57 -8.59 -29.38
C THR A 230 -23.18 -10.04 -29.09
N ARG A 231 -22.24 -10.18 -28.16
CA ARG A 231 -21.89 -11.47 -27.61
C ARG A 231 -21.75 -11.33 -26.11
N LEU A 232 -21.78 -12.49 -25.43
CA LEU A 232 -21.61 -12.54 -23.99
C LEU A 232 -20.51 -13.53 -23.67
N ILE A 233 -19.67 -13.13 -22.72
CA ILE A 233 -18.69 -13.99 -22.07
C ILE A 233 -19.03 -14.07 -20.58
N ALA A 234 -19.19 -15.29 -20.09
CA ALA A 234 -19.28 -15.52 -18.65
C ALA A 234 -17.98 -16.15 -18.16
N ILE A 235 -17.53 -15.71 -16.99
CA ILE A 235 -16.30 -16.17 -16.40
C ILE A 235 -16.56 -16.61 -14.96
N GLY A 236 -16.26 -17.89 -14.68
CA GLY A 236 -16.43 -18.46 -13.36
C GLY A 236 -16.08 -19.96 -13.31
N GLN A 237 -16.00 -20.50 -12.08
CA GLN A 237 -15.56 -21.87 -11.85
C GLN A 237 -16.69 -22.85 -12.11
N ASP A 238 -17.91 -22.36 -12.37
CA ASP A 238 -19.05 -23.26 -12.46
C ASP A 238 -18.96 -24.21 -13.67
N ASP A 239 -19.73 -25.29 -13.53
CA ASP A 239 -19.94 -26.25 -14.58
C ASP A 239 -20.78 -25.56 -15.66
N PRO A 240 -20.25 -25.46 -16.89
CA PRO A 240 -20.99 -24.81 -17.97
C PRO A 240 -22.20 -25.57 -18.49
N LYS A 241 -22.35 -26.84 -18.14
CA LYS A 241 -23.20 -27.75 -18.93
C LYS A 241 -24.70 -27.41 -18.81
N PRO A 242 -25.26 -27.01 -17.63
CA PRO A 242 -26.67 -26.61 -17.59
C PRO A 242 -26.95 -25.37 -18.46
N PHE A 243 -25.91 -24.54 -18.68
CA PHE A 243 -26.08 -23.33 -19.46
C PHE A 243 -25.89 -23.65 -20.94
N LEU A 244 -25.06 -24.66 -21.24
CA LEU A 244 -24.86 -25.09 -22.62
C LEU A 244 -26.20 -25.47 -23.24
N LEU A 245 -27.11 -26.07 -22.47
CA LEU A 245 -28.44 -26.42 -22.94
C LEU A 245 -29.33 -25.19 -23.17
N GLN A 246 -29.26 -24.19 -22.28
CA GLN A 246 -30.05 -22.97 -22.42
C GLN A 246 -29.61 -22.19 -23.66
N ILE A 247 -28.30 -22.06 -23.82
CA ILE A 247 -27.67 -21.33 -24.90
C ILE A 247 -28.11 -21.92 -26.24
N ALA A 248 -28.15 -23.26 -26.33
CA ALA A 248 -28.57 -23.97 -27.54
C ALA A 248 -30.04 -23.65 -27.86
N ALA A 249 -30.91 -23.73 -26.84
CA ALA A 249 -32.34 -23.56 -27.02
C ALA A 249 -32.70 -22.14 -27.46
N LEU A 250 -31.90 -21.14 -27.05
CA LEU A 250 -32.11 -19.73 -27.43
C LEU A 250 -31.34 -19.40 -28.70
N GLY A 251 -30.67 -20.38 -29.29
CA GLY A 251 -29.91 -20.16 -30.51
C GLY A 251 -28.70 -19.25 -30.32
N LEU A 252 -28.01 -19.36 -29.17
CA LEU A 252 -26.93 -18.44 -28.87
C LEU A 252 -25.55 -19.12 -28.98
N ASN A 253 -25.44 -20.26 -29.70
CA ASN A 253 -24.20 -21.04 -29.63
C ASN A 253 -23.03 -20.24 -30.17
N ASP A 254 -23.28 -19.40 -31.16
CA ASP A 254 -22.24 -18.65 -31.84
C ASP A 254 -21.98 -17.29 -31.16
N GLN A 255 -22.59 -16.98 -30.02
CA GLN A 255 -22.35 -15.65 -29.47
C GLN A 255 -22.32 -15.68 -27.94
N VAL A 256 -22.02 -16.87 -27.36
CA VAL A 256 -21.79 -16.99 -25.92
C VAL A 256 -20.56 -17.84 -25.69
N GLN A 257 -19.71 -17.45 -24.73
CA GLN A 257 -18.67 -18.33 -24.22
C GLN A 257 -18.71 -18.29 -22.71
N ILE A 258 -18.40 -19.44 -22.12
CA ILE A 258 -18.30 -19.60 -20.68
C ILE A 258 -16.89 -20.06 -20.37
N LEU A 259 -16.12 -19.21 -19.69
CA LEU A 259 -14.73 -19.51 -19.37
C LEU A 259 -14.64 -19.88 -17.89
N LYS A 260 -13.60 -20.66 -17.58
CA LYS A 260 -13.25 -20.99 -16.21
C LYS A 260 -12.58 -19.77 -15.61
N GLY A 261 -12.48 -19.76 -14.27
CA GLY A 261 -11.85 -18.71 -13.52
C GLY A 261 -10.52 -18.26 -14.13
N ARG A 262 -10.28 -16.94 -14.10
CA ARG A 262 -9.06 -16.33 -14.63
C ARG A 262 -8.56 -15.25 -13.71
N SER A 263 -7.26 -14.97 -13.79
CA SER A 263 -6.69 -13.95 -12.94
C SER A 263 -6.53 -12.61 -13.70
N ASP A 264 -6.93 -12.53 -14.99
CA ASP A 264 -6.79 -11.28 -15.74
C ASP A 264 -8.17 -10.61 -15.96
N ILE A 265 -8.97 -10.52 -14.89
CA ILE A 265 -10.30 -9.93 -14.96
C ILE A 265 -10.24 -8.48 -15.42
N PRO A 266 -9.27 -7.64 -14.96
CA PRO A 266 -9.25 -6.22 -15.37
C PRO A 266 -9.28 -5.99 -16.88
N ARG A 267 -8.59 -6.86 -17.64
CA ARG A 267 -8.63 -6.85 -19.11
C ARG A 267 -10.03 -7.08 -19.66
N PHE A 268 -10.82 -7.96 -19.02
CA PHE A 268 -12.20 -8.18 -19.46
C PHE A 268 -13.08 -6.96 -19.15
N LEU A 269 -12.82 -6.25 -18.02
CA LEU A 269 -13.59 -5.07 -17.65
C LEU A 269 -13.31 -3.88 -18.57
N LEU A 270 -12.06 -3.70 -19.00
CA LEU A 270 -11.65 -2.68 -19.94
C LEU A 270 -12.11 -2.99 -21.36
N GLY A 271 -12.12 -4.27 -21.72
CA GLY A 271 -12.39 -4.71 -23.08
C GLY A 271 -13.87 -4.86 -23.41
N ALA A 272 -14.72 -4.95 -22.37
CA ALA A 272 -16.15 -5.19 -22.53
C ALA A 272 -16.88 -3.88 -22.72
N ASP A 273 -18.19 -3.98 -23.05
CA ASP A 273 -19.02 -2.82 -23.29
C ASP A 273 -20.13 -2.68 -22.26
N LEU A 274 -20.45 -3.78 -21.57
CA LEU A 274 -21.45 -3.72 -20.50
C LEU A 274 -21.23 -4.89 -19.55
N LEU A 275 -21.21 -4.63 -18.24
CA LEU A 275 -21.35 -5.73 -17.31
C LEU A 275 -22.84 -5.95 -17.06
N ILE A 276 -23.28 -7.22 -17.17
CA ILE A 276 -24.66 -7.60 -16.87
C ILE A 276 -24.65 -8.54 -15.66
N HIS A 277 -25.41 -8.16 -14.62
CA HIS A 277 -25.40 -8.83 -13.34
C HIS A 277 -26.84 -8.90 -12.80
N PRO A 278 -27.77 -9.66 -13.40
CA PRO A 278 -29.16 -9.67 -12.92
C PRO A 278 -29.37 -10.71 -11.82
N ALA A 279 -28.65 -10.55 -10.69
CA ALA A 279 -28.66 -11.54 -9.62
C ALA A 279 -30.04 -11.64 -8.96
N TYR A 280 -30.41 -12.89 -8.60
CA TYR A 280 -31.57 -13.19 -7.77
C TYR A 280 -31.37 -12.62 -6.37
N ASN A 281 -30.17 -12.82 -5.79
CA ASN A 281 -29.77 -12.24 -4.53
C ASN A 281 -28.24 -12.12 -4.56
N GLU A 282 -27.69 -11.20 -3.75
CA GLU A 282 -26.26 -10.93 -3.71
C GLU A 282 -25.99 -10.04 -2.49
N ASN A 283 -25.20 -10.52 -1.53
CA ASN A 283 -24.91 -9.74 -0.31
C ASN A 283 -24.42 -8.32 -0.69
N THR A 284 -23.35 -8.22 -1.51
CA THR A 284 -22.79 -6.94 -1.95
C THR A 284 -22.71 -6.92 -3.48
N GLY A 285 -21.67 -7.54 -4.05
CA GLY A 285 -21.44 -7.54 -5.49
C GLY A 285 -20.15 -6.82 -5.83
N THR A 286 -19.03 -7.45 -5.49
CA THR A 286 -17.68 -6.91 -5.73
C THR A 286 -17.52 -6.49 -7.19
N VAL A 287 -17.99 -7.33 -8.13
CA VAL A 287 -17.75 -7.10 -9.55
C VAL A 287 -18.48 -5.86 -10.07
N LEU A 288 -19.55 -5.45 -9.37
CA LEU A 288 -20.23 -4.19 -9.68
C LEU A 288 -19.28 -3.00 -9.54
N LEU A 289 -18.57 -2.96 -8.41
CA LEU A 289 -17.60 -1.91 -8.13
C LEU A 289 -16.36 -2.04 -9.01
N GLU A 290 -15.92 -3.27 -9.32
CA GLU A 290 -14.80 -3.47 -10.21
C GLU A 290 -15.12 -2.94 -11.60
N ALA A 291 -16.35 -3.13 -12.09
CA ALA A 291 -16.75 -2.54 -13.37
C ALA A 291 -16.74 -1.02 -13.28
N LEU A 292 -17.23 -0.50 -12.17
CA LEU A 292 -17.27 0.95 -11.98
C LEU A 292 -15.87 1.58 -12.08
N VAL A 293 -14.87 1.03 -11.36
CA VAL A 293 -13.53 1.64 -11.38
C VAL A 293 -12.84 1.45 -12.75
N SER A 294 -13.30 0.50 -13.57
CA SER A 294 -12.78 0.27 -14.91
C SER A 294 -13.57 1.06 -15.95
N GLY A 295 -14.51 1.94 -15.52
CA GLY A 295 -15.33 2.65 -16.44
C GLY A 295 -16.17 1.76 -17.37
N LEU A 296 -16.58 0.58 -16.88
CA LEU A 296 -17.49 -0.30 -17.60
C LEU A 296 -18.92 -0.12 -17.10
N PRO A 297 -19.89 0.31 -17.97
CA PRO A 297 -21.30 0.46 -17.58
C PRO A 297 -21.94 -0.84 -17.07
N VAL A 298 -22.71 -0.71 -15.97
CA VAL A 298 -23.30 -1.87 -15.30
C VAL A 298 -24.80 -1.86 -15.50
N LEU A 299 -25.39 -3.05 -15.65
CA LEU A 299 -26.82 -3.32 -15.55
C LEU A 299 -26.99 -4.38 -14.46
N VAL A 300 -27.64 -4.00 -13.33
CA VAL A 300 -27.70 -4.82 -12.13
C VAL A 300 -29.09 -4.73 -11.52
N THR A 301 -29.47 -5.79 -10.79
CA THR A 301 -30.74 -5.81 -10.09
C THR A 301 -30.59 -5.06 -8.77
N ASP A 302 -31.69 -4.41 -8.32
CA ASP A 302 -31.69 -3.59 -7.10
C ASP A 302 -31.43 -4.44 -5.85
N VAL A 303 -31.58 -5.77 -5.93
CA VAL A 303 -31.44 -6.66 -4.76
C VAL A 303 -29.98 -6.74 -4.30
N CYS A 304 -29.04 -6.33 -5.15
CA CYS A 304 -27.62 -6.44 -4.83
C CYS A 304 -27.23 -5.32 -3.88
N GLY A 305 -26.42 -5.66 -2.85
CA GLY A 305 -26.10 -4.70 -1.77
C GLY A 305 -25.28 -3.50 -2.25
N TYR A 306 -24.52 -3.69 -3.33
CA TYR A 306 -23.69 -2.61 -3.89
C TYR A 306 -24.30 -1.95 -5.12
N ALA A 307 -25.56 -2.29 -5.46
CA ALA A 307 -26.25 -1.71 -6.60
C ALA A 307 -26.39 -0.20 -6.42
N HIS A 308 -26.54 0.26 -5.17
CA HIS A 308 -26.75 1.69 -4.95
C HIS A 308 -25.57 2.50 -5.47
N TYR A 309 -24.35 1.92 -5.39
CA TYR A 309 -23.16 2.61 -5.87
C TYR A 309 -23.30 2.92 -7.36
N ILE A 310 -23.98 2.03 -8.11
CA ILE A 310 -24.17 2.25 -9.54
C ILE A 310 -25.14 3.42 -9.80
N ALA A 311 -26.17 3.56 -8.95
CA ALA A 311 -27.15 4.63 -9.06
C ALA A 311 -26.50 5.94 -8.67
N GLU A 312 -25.77 5.94 -7.55
CA GLU A 312 -25.15 7.13 -6.99
C GLU A 312 -24.02 7.66 -7.86
N ALA A 313 -23.23 6.78 -8.46
CA ALA A 313 -22.15 7.25 -9.31
C ALA A 313 -22.69 7.58 -10.70
N ASP A 314 -23.94 7.18 -10.96
CA ASP A 314 -24.58 7.26 -12.26
C ASP A 314 -23.71 6.55 -13.30
N ALA A 315 -23.41 5.27 -13.01
CA ALA A 315 -22.45 4.48 -13.77
C ALA A 315 -23.13 3.29 -14.43
N GLY A 316 -24.41 3.46 -14.80
CA GLY A 316 -25.23 2.37 -15.34
C GLY A 316 -26.69 2.48 -14.91
N ARG A 317 -27.41 1.35 -14.91
CA ARG A 317 -28.84 1.33 -14.63
C ARG A 317 -29.12 0.21 -13.63
N VAL A 318 -29.97 0.51 -12.65
CA VAL A 318 -30.39 -0.47 -11.65
C VAL A 318 -31.85 -0.89 -11.95
N LEU A 319 -32.09 -2.19 -12.14
CA LEU A 319 -33.43 -2.68 -12.45
C LEU A 319 -34.25 -2.85 -11.15
N PRO A 320 -35.39 -2.13 -10.96
CA PRO A 320 -36.19 -2.26 -9.74
C PRO A 320 -36.83 -3.64 -9.59
N SER A 321 -36.97 -4.07 -8.33
CA SER A 321 -37.79 -5.25 -8.00
C SER A 321 -39.29 -4.89 -8.11
N PRO A 322 -40.22 -5.85 -8.36
CA PRO A 322 -39.91 -7.27 -8.56
C PRO A 322 -39.31 -7.57 -9.93
N PHE A 323 -38.46 -8.59 -10.00
CA PHE A 323 -37.81 -8.89 -11.26
C PHE A 323 -38.83 -9.25 -12.33
N GLU A 324 -38.62 -8.72 -13.54
CA GLU A 324 -39.49 -8.97 -14.69
C GLU A 324 -38.58 -9.18 -15.90
N GLN A 325 -38.59 -10.38 -16.50
CA GLN A 325 -37.66 -10.69 -17.57
C GLN A 325 -37.82 -9.68 -18.69
N ASP A 326 -39.08 -9.33 -19.01
CA ASP A 326 -39.42 -8.30 -19.98
C ASP A 326 -38.72 -6.97 -19.70
N SER A 327 -38.65 -6.59 -18.42
CA SER A 327 -38.00 -5.34 -18.01
C SER A 327 -36.48 -5.41 -18.19
N LEU A 328 -35.86 -6.55 -17.84
CA LEU A 328 -34.44 -6.72 -18.13
C LEU A 328 -34.21 -6.58 -19.65
N ASN A 329 -35.05 -7.26 -20.46
CA ASN A 329 -34.86 -7.38 -21.90
C ASN A 329 -34.83 -6.00 -22.54
N ARG A 330 -35.84 -5.17 -22.16
CA ARG A 330 -35.99 -3.80 -22.63
C ARG A 330 -34.82 -2.93 -22.16
N LEU A 331 -34.41 -3.09 -20.90
CA LEU A 331 -33.37 -2.21 -20.35
C LEU A 331 -32.00 -2.49 -21.00
N LEU A 332 -31.68 -3.78 -21.23
CA LEU A 332 -30.47 -4.14 -21.99
C LEU A 332 -30.44 -3.48 -23.37
N ALA A 333 -31.56 -3.54 -24.10
CA ALA A 333 -31.66 -3.01 -25.45
C ALA A 333 -31.52 -1.48 -25.47
N GLU A 334 -32.09 -0.80 -24.46
CA GLU A 334 -32.00 0.64 -24.37
C GLU A 334 -30.57 1.04 -24.06
N MET A 335 -29.88 0.28 -23.18
CA MET A 335 -28.51 0.67 -22.82
C MET A 335 -27.58 0.49 -24.04
N LEU A 336 -27.80 -0.56 -24.83
CA LEU A 336 -26.88 -0.83 -25.92
C LEU A 336 -27.17 0.08 -27.10
N GLU A 337 -28.45 0.42 -27.30
CA GLU A 337 -28.84 1.33 -28.38
C GLU A 337 -28.30 2.73 -28.08
N ASP A 338 -28.11 3.06 -26.78
CA ASP A 338 -27.73 4.40 -26.35
C ASP A 338 -26.21 4.53 -26.11
N ALA A 339 -25.47 4.78 -27.19
CA ALA A 339 -24.03 4.90 -27.11
C ALA A 339 -23.60 6.15 -26.35
N PRO A 340 -24.22 7.34 -26.51
CA PRO A 340 -23.80 8.49 -25.69
C PRO A 340 -24.02 8.22 -24.19
N ALA A 341 -25.12 7.54 -23.84
CA ALA A 341 -25.41 7.21 -22.44
C ALA A 341 -24.35 6.28 -21.82
N ARG A 342 -23.91 5.26 -22.58
CA ARG A 342 -22.82 4.39 -22.13
C ARG A 342 -21.52 5.16 -21.97
N ALA A 343 -21.17 6.05 -22.91
CA ALA A 343 -19.96 6.87 -22.75
C ALA A 343 -20.01 7.70 -21.46
N ALA A 344 -21.19 8.26 -21.16
CA ALA A 344 -21.36 9.07 -19.96
C ALA A 344 -21.27 8.16 -18.71
N TRP A 345 -21.96 7.00 -18.73
CA TRP A 345 -21.88 6.09 -17.59
C TRP A 345 -20.43 5.73 -17.31
N SER A 346 -19.61 5.68 -18.38
N SER A 346 -19.61 5.65 -18.37
CA SER A 346 -18.23 5.27 -18.28
CA SER A 346 -18.20 5.26 -18.26
C SER A 346 -17.38 6.32 -17.57
C SER A 346 -17.38 6.33 -17.56
N ARG A 347 -17.51 7.57 -18.06
CA ARG A 347 -16.82 8.73 -17.49
C ARG A 347 -17.19 8.90 -16.02
N ASN A 348 -18.49 8.75 -15.72
CA ASN A 348 -19.04 8.88 -14.38
C ASN A 348 -18.41 7.87 -13.42
N GLY A 349 -18.29 6.59 -13.85
CA GLY A 349 -17.70 5.59 -13.00
C GLY A 349 -16.24 5.90 -12.70
N LEU A 350 -15.49 6.32 -13.71
CA LEU A 350 -14.09 6.66 -13.55
C LEU A 350 -13.88 7.90 -12.66
N ALA A 351 -14.71 8.94 -12.84
CA ALA A 351 -14.69 10.10 -11.94
C ALA A 351 -14.96 9.70 -10.47
N TYR A 352 -15.95 8.82 -10.27
CA TYR A 352 -16.37 8.41 -8.95
C TYR A 352 -15.27 7.61 -8.23
N ALA A 353 -14.61 6.74 -9.00
CA ALA A 353 -13.56 5.86 -8.50
C ALA A 353 -12.37 6.65 -7.95
N ASP A 354 -12.22 7.89 -8.42
CA ASP A 354 -11.06 8.73 -8.12
C ASP A 354 -11.22 9.44 -6.76
N HIS A 355 -12.44 9.58 -6.25
CA HIS A 355 -12.66 10.25 -4.97
C HIS A 355 -13.34 9.36 -3.91
N ALA A 356 -14.06 8.29 -4.28
CA ALA A 356 -14.72 7.46 -3.29
C ALA A 356 -13.74 6.46 -2.66
N ASP A 357 -14.00 6.10 -1.39
CA ASP A 357 -13.27 5.05 -0.70
C ASP A 357 -13.94 3.71 -0.99
N LEU A 358 -13.36 3.01 -1.97
CA LEU A 358 -13.79 1.69 -2.35
C LEU A 358 -12.66 0.69 -2.12
N TYR A 359 -11.59 1.11 -1.39
CA TYR A 359 -10.31 0.38 -1.35
C TYR A 359 -9.85 -0.07 0.03
N SER A 360 -10.17 0.68 1.09
CA SER A 360 -9.40 0.57 2.33
C SER A 360 -9.91 -0.52 3.27
N MET A 361 -10.81 -1.39 2.81
CA MET A 361 -11.40 -2.41 3.67
C MET A 361 -10.31 -3.13 4.48
N PRO A 362 -9.21 -3.64 3.88
CA PRO A 362 -8.32 -4.55 4.60
C PRO A 362 -7.63 -3.92 5.81
N GLN A 363 -7.38 -2.61 5.71
CA GLN A 363 -6.71 -1.84 6.74
C GLN A 363 -7.70 -1.56 7.87
N ARG A 364 -8.96 -1.26 7.51
CA ARG A 364 -10.02 -1.00 8.48
C ARG A 364 -10.39 -2.30 9.19
N ALA A 365 -10.37 -3.41 8.45
CA ALA A 365 -10.63 -4.72 9.04
C ALA A 365 -9.52 -5.09 10.00
N ALA A 366 -8.25 -4.93 9.58
CA ALA A 366 -7.10 -5.23 10.42
C ALA A 366 -7.09 -4.38 11.69
N ASP A 367 -7.39 -3.08 11.58
CA ASP A 367 -7.57 -2.21 12.73
C ASP A 367 -8.55 -2.78 13.76
N LEU A 368 -9.69 -3.31 13.30
CA LEU A 368 -10.69 -3.82 14.23
C LEU A 368 -10.26 -5.18 14.80
N ILE A 369 -9.70 -6.05 13.97
CA ILE A 369 -9.22 -7.35 14.41
C ILE A 369 -8.19 -7.17 15.53
N LEU A 370 -7.29 -6.16 15.43
CA LEU A 370 -6.09 -6.06 16.25
C LEU A 370 -6.17 -4.94 17.30
N GLY A 371 -7.04 -3.93 17.14
CA GLY A 371 -6.89 -2.64 17.81
C GLY A 371 -5.93 -1.72 17.07
N MET B 1 2.54 1.39 -23.21
CA MET B 1 3.02 1.03 -21.85
C MET B 1 2.70 2.12 -20.83
N ALA B 2 2.34 1.64 -19.64
CA ALA B 2 2.17 2.48 -18.47
C ALA B 2 3.27 2.16 -17.46
N THR B 3 4.07 1.11 -17.72
CA THR B 3 5.08 0.65 -16.77
C THR B 3 6.14 1.74 -16.59
N LEU B 4 6.44 2.06 -15.34
CA LEU B 4 7.59 2.86 -15.01
C LEU B 4 8.65 1.96 -14.37
N ALA B 5 9.89 2.17 -14.78
CA ALA B 5 10.99 1.45 -14.15
C ALA B 5 11.66 2.42 -13.19
N PHE B 6 11.69 2.02 -11.91
CA PHE B 6 12.48 2.71 -10.88
C PHE B 6 13.78 1.94 -10.65
N ILE B 7 14.89 2.66 -10.62
CA ILE B 7 16.20 2.06 -10.39
C ILE B 7 16.86 2.65 -9.13
N LEU B 8 17.20 1.79 -8.18
CA LEU B 8 18.06 2.21 -7.10
C LEU B 8 18.96 1.05 -6.67
N TYR B 9 20.18 1.38 -6.21
CA TYR B 9 21.14 0.34 -5.88
C TYR B 9 20.66 -0.54 -4.74
N LYS B 10 20.00 0.06 -3.74
CA LYS B 10 19.61 -0.62 -2.51
C LYS B 10 18.26 -0.09 -2.01
N TYR B 11 17.30 -0.99 -1.83
CA TYR B 11 16.05 -0.68 -1.13
C TYR B 11 16.07 -1.31 0.26
N PHE B 12 15.75 -0.49 1.27
CA PHE B 12 15.45 -0.95 2.61
C PHE B 12 14.63 0.18 3.24
N PRO B 13 13.77 -0.09 4.24
CA PRO B 13 12.83 0.92 4.74
C PRO B 13 13.43 2.14 5.46
N PHE B 14 14.66 2.01 5.99
CA PHE B 14 15.18 3.03 6.90
C PHE B 14 16.24 3.94 6.24
N GLY B 15 15.96 4.47 5.05
CA GLY B 15 16.87 5.40 4.40
C GLY B 15 16.07 6.51 3.74
N GLY B 16 16.65 7.71 3.65
CA GLY B 16 15.98 8.84 3.03
C GLY B 16 15.68 8.63 1.55
N LEU B 17 16.72 8.30 0.79
CA LEU B 17 16.61 7.96 -0.62
C LEU B 17 15.46 6.95 -0.83
N GLN B 18 15.43 5.93 0.03
CA GLN B 18 14.60 4.74 -0.14
C GLN B 18 13.13 5.08 0.11
N ARG B 19 12.90 5.87 1.18
CA ARG B 19 11.59 6.37 1.56
C ARG B 19 11.05 7.34 0.52
N ASP B 20 11.92 8.23 -0.03
CA ASP B 20 11.54 9.14 -1.11
C ASP B 20 11.09 8.35 -2.33
N PHE B 21 11.92 7.36 -2.73
CA PHE B 21 11.60 6.47 -3.83
C PHE B 21 10.22 5.85 -3.62
N MET B 22 9.96 5.35 -2.40
CA MET B 22 8.71 4.65 -2.15
C MET B 22 7.49 5.56 -2.28
N ARG B 23 7.59 6.80 -1.78
CA ARG B 23 6.43 7.69 -1.81
C ARG B 23 6.16 8.09 -3.27
N ILE B 24 7.23 8.30 -4.05
CA ILE B 24 7.07 8.65 -5.47
C ILE B 24 6.45 7.49 -6.27
N ALA B 25 6.93 6.27 -6.02
CA ALA B 25 6.45 5.09 -6.73
C ALA B 25 4.98 4.83 -6.43
N LEU B 26 4.57 4.98 -5.17
CA LEU B 26 3.19 4.76 -4.77
C LEU B 26 2.25 5.82 -5.38
N GLU B 27 2.72 7.07 -5.50
CA GLU B 27 1.97 8.18 -6.05
C GLU B 27 1.74 7.89 -7.53
N CYS B 28 2.84 7.41 -8.15
CA CYS B 28 2.84 7.11 -9.58
C CYS B 28 1.88 5.95 -9.84
N GLN B 29 1.95 4.92 -8.97
CA GLN B 29 1.08 3.76 -9.06
C GLN B 29 -0.40 4.17 -8.93
N ARG B 30 -0.69 5.12 -8.03
CA ARG B 30 -2.02 5.69 -7.86
C ARG B 30 -2.53 6.34 -9.13
N ARG B 31 -1.66 6.86 -10.01
CA ARG B 31 -2.17 7.53 -11.19
C ARG B 31 -2.26 6.58 -12.39
N GLY B 32 -2.23 5.25 -12.15
CA GLY B 32 -2.53 4.26 -13.19
C GLY B 32 -1.28 3.63 -13.82
N HIS B 33 -0.15 3.57 -13.08
CA HIS B 33 1.08 3.04 -13.63
C HIS B 33 1.50 1.83 -12.82
N ASP B 34 1.89 0.76 -13.52
CA ASP B 34 2.48 -0.34 -12.79
C ASP B 34 3.99 -0.07 -12.61
N ILE B 35 4.49 -0.54 -11.46
CA ILE B 35 5.81 -0.28 -10.92
C ILE B 35 6.73 -1.49 -11.11
N ARG B 36 7.86 -1.23 -11.77
CA ARG B 36 8.96 -2.18 -11.84
C ARG B 36 10.19 -1.54 -11.21
N VAL B 37 10.88 -2.32 -10.38
CA VAL B 37 12.04 -1.82 -9.69
C VAL B 37 13.23 -2.70 -10.04
N TYR B 38 14.37 -2.06 -10.38
CA TYR B 38 15.63 -2.78 -10.54
C TYR B 38 16.56 -2.38 -9.41
N THR B 39 17.10 -3.37 -8.69
CA THR B 39 17.92 -3.09 -7.53
C THR B 39 18.93 -4.23 -7.34
N LEU B 40 19.97 -3.99 -6.51
CA LEU B 40 20.94 -5.01 -6.11
C LEU B 40 20.43 -5.73 -4.86
N ILE B 41 19.67 -5.03 -3.98
CA ILE B 41 19.05 -5.68 -2.84
C ILE B 41 17.73 -4.98 -2.48
N TRP B 42 16.78 -5.80 -2.03
CA TRP B 42 15.51 -5.34 -1.50
C TRP B 42 15.27 -6.00 -0.16
N GLU B 43 15.38 -5.22 0.93
CA GLU B 43 15.03 -5.67 2.28
C GLU B 43 13.72 -4.99 2.69
N GLY B 44 12.82 -5.79 3.28
CA GLY B 44 11.55 -5.31 3.78
C GLY B 44 10.39 -5.60 2.84
N ASP B 45 9.21 -5.10 3.22
CA ASP B 45 7.94 -5.34 2.53
C ASP B 45 8.05 -4.93 1.06
N VAL B 46 7.52 -5.77 0.15
CA VAL B 46 7.29 -5.40 -1.24
C VAL B 46 5.82 -4.98 -1.36
N PRO B 47 5.47 -3.72 -1.70
CA PRO B 47 4.06 -3.38 -1.84
C PRO B 47 3.38 -4.08 -3.01
N ASP B 48 2.05 -4.25 -2.87
CA ASP B 48 1.17 -4.85 -3.86
C ASP B 48 1.40 -4.17 -5.20
N GLY B 49 1.59 -4.99 -6.24
CA GLY B 49 1.74 -4.52 -7.62
C GLY B 49 3.16 -4.09 -8.03
N PHE B 50 4.12 -4.08 -7.09
CA PHE B 50 5.51 -3.78 -7.44
C PHE B 50 6.17 -5.07 -7.97
N GLU B 51 6.70 -5.03 -9.20
CA GLU B 51 7.50 -6.10 -9.76
C GLU B 51 8.98 -5.77 -9.51
N VAL B 52 9.59 -6.40 -8.48
CA VAL B 52 10.93 -6.13 -8.00
C VAL B 52 11.91 -7.15 -8.59
N LEU B 53 12.95 -6.71 -9.33
CA LEU B 53 13.99 -7.58 -9.85
C LEU B 53 15.33 -7.26 -9.17
N VAL B 54 15.84 -8.22 -8.41
CA VAL B 54 17.13 -8.11 -7.74
C VAL B 54 18.21 -8.64 -8.69
N ALA B 55 19.31 -7.90 -8.90
CA ALA B 55 20.26 -8.26 -9.94
C ALA B 55 21.14 -9.39 -9.47
N PRO B 56 21.41 -10.40 -10.33
CA PRO B 56 22.25 -11.52 -9.94
C PRO B 56 23.74 -11.23 -10.13
N VAL B 57 24.07 -9.97 -10.39
CA VAL B 57 25.43 -9.59 -10.78
C VAL B 57 26.30 -9.59 -9.53
N ARG B 58 27.61 -9.75 -9.74
CA ARG B 58 28.54 -9.92 -8.64
C ARG B 58 29.90 -9.32 -9.03
N SER B 59 30.59 -8.62 -8.10
CA SER B 59 31.97 -8.22 -8.27
C SER B 59 32.51 -7.88 -6.89
N ILE B 60 33.82 -8.05 -6.69
CA ILE B 60 34.45 -7.69 -5.42
C ILE B 60 34.48 -6.17 -5.25
N PHE B 61 34.38 -5.40 -6.34
CA PHE B 61 34.38 -3.95 -6.23
C PHE B 61 32.97 -3.41 -6.47
N ASN B 62 32.52 -2.55 -5.54
CA ASN B 62 31.22 -1.92 -5.66
C ASN B 62 31.03 -1.29 -7.03
N HIS B 63 32.02 -0.49 -7.49
CA HIS B 63 31.89 0.28 -8.72
C HIS B 63 31.73 -0.62 -9.94
N ARG B 64 32.39 -1.79 -9.95
CA ARG B 64 32.31 -2.75 -11.05
C ARG B 64 30.97 -3.52 -11.02
N ARG B 65 30.56 -3.89 -9.80
CA ARG B 65 29.23 -4.44 -9.57
C ARG B 65 28.17 -3.51 -10.17
N ASN B 66 28.34 -2.19 -9.98
CA ASN B 66 27.37 -1.21 -10.44
C ASN B 66 27.40 -1.19 -11.95
N GLU B 67 28.60 -1.37 -12.56
CA GLU B 67 28.67 -1.38 -14.01
C GLU B 67 27.96 -2.59 -14.61
N LYS B 68 28.11 -3.78 -13.98
CA LYS B 68 27.42 -5.03 -14.37
C LYS B 68 25.89 -4.94 -14.21
N PHE B 69 25.48 -4.22 -13.15
CA PHE B 69 24.08 -3.87 -12.92
C PHE B 69 23.48 -3.13 -14.10
N THR B 70 24.10 -2.01 -14.55
N THR B 70 24.15 -2.05 -14.54
CA THR B 70 23.50 -1.24 -15.62
CA THR B 70 23.68 -1.19 -15.62
C THR B 70 23.43 -2.07 -16.91
C THR B 70 23.52 -1.97 -16.93
N ALA B 71 24.41 -2.96 -17.16
CA ALA B 71 24.35 -3.88 -18.31
C ALA B 71 23.15 -4.85 -18.16
N TRP B 72 22.98 -5.41 -16.96
CA TRP B 72 21.89 -6.34 -16.71
C TRP B 72 20.52 -5.66 -16.89
N VAL B 73 20.38 -4.45 -16.35
CA VAL B 73 19.13 -3.71 -16.43
C VAL B 73 18.80 -3.38 -17.88
N ARG B 74 19.79 -2.88 -18.62
CA ARG B 74 19.63 -2.48 -20.00
C ARG B 74 19.16 -3.68 -20.84
N ALA B 75 19.71 -4.88 -20.56
CA ALA B 75 19.36 -6.07 -21.33
C ALA B 75 17.90 -6.44 -21.05
N ASP B 76 17.49 -6.30 -19.77
CA ASP B 76 16.09 -6.51 -19.43
C ASP B 76 15.18 -5.48 -20.11
N LEU B 77 15.54 -4.18 -20.06
CA LEU B 77 14.73 -3.12 -20.65
C LEU B 77 14.66 -3.27 -22.17
N ASP B 78 15.75 -3.79 -22.79
CA ASP B 78 15.72 -4.10 -24.22
C ASP B 78 14.62 -5.13 -24.51
N ARG B 79 14.61 -6.23 -23.75
CA ARG B 79 13.62 -7.27 -23.94
C ARG B 79 12.21 -6.82 -23.53
N ARG B 80 12.05 -6.17 -22.35
CA ARG B 80 10.75 -5.70 -21.84
C ARG B 80 10.69 -4.18 -21.64
N PRO B 81 10.35 -3.40 -22.69
CA PRO B 81 10.42 -1.95 -22.63
C PRO B 81 9.45 -1.36 -21.60
N VAL B 82 9.63 -0.08 -21.25
CA VAL B 82 8.77 0.59 -20.28
C VAL B 82 8.44 2.00 -20.78
N GLN B 83 7.54 2.71 -20.09
CA GLN B 83 7.20 4.08 -20.47
C GLN B 83 8.32 5.06 -20.14
N ARG B 84 8.91 4.93 -18.97
CA ARG B 84 9.89 5.91 -18.51
C ARG B 84 10.73 5.24 -17.43
N VAL B 85 12.01 5.62 -17.39
CA VAL B 85 12.95 5.07 -16.43
C VAL B 85 13.32 6.21 -15.51
N ILE B 86 13.23 5.97 -14.19
CA ILE B 86 13.55 6.93 -13.14
C ILE B 86 14.60 6.31 -12.20
N GLY B 87 15.79 6.93 -12.12
CA GLY B 87 16.83 6.44 -11.26
C GLY B 87 16.96 7.31 -10.01
N PHE B 88 17.42 6.68 -8.93
CA PHE B 88 17.70 7.33 -7.65
C PHE B 88 19.20 7.24 -7.35
N ASN B 89 19.97 6.65 -8.29
CA ASN B 89 21.44 6.65 -8.28
C ASN B 89 21.91 7.12 -9.65
N LYS B 90 23.11 7.72 -9.71
CA LYS B 90 23.61 8.21 -10.99
C LYS B 90 24.18 7.06 -11.81
N MET B 91 23.68 6.94 -13.05
CA MET B 91 24.08 5.90 -13.98
C MET B 91 23.56 6.28 -15.35
N PRO B 92 24.07 5.65 -16.44
CA PRO B 92 23.50 5.83 -17.78
C PRO B 92 22.05 5.38 -17.88
N GLY B 93 21.33 5.83 -18.92
CA GLY B 93 20.07 5.25 -19.31
C GLY B 93 18.84 5.83 -18.61
N LEU B 94 18.96 6.93 -17.81
CA LEU B 94 17.84 7.44 -17.02
C LEU B 94 17.12 8.55 -17.79
N ASP B 95 15.79 8.44 -17.87
CA ASP B 95 14.95 9.53 -18.33
C ASP B 95 14.87 10.63 -17.25
N VAL B 96 14.81 10.21 -15.99
CA VAL B 96 14.75 11.14 -14.86
C VAL B 96 15.73 10.67 -13.79
N TYR B 97 16.44 11.63 -13.16
CA TYR B 97 17.31 11.33 -12.04
C TYR B 97 16.88 12.16 -10.84
N TYR B 98 16.60 11.48 -9.73
CA TYR B 98 16.30 12.13 -8.47
C TYR B 98 17.58 12.27 -7.66
N ALA B 99 17.97 13.53 -7.35
CA ALA B 99 19.30 13.81 -6.84
C ALA B 99 19.32 13.66 -5.33
N ALA B 100 19.46 12.42 -4.87
CA ALA B 100 19.49 12.10 -3.46
C ALA B 100 20.90 12.22 -2.92
N ASP B 101 21.83 12.54 -3.81
CA ASP B 101 23.25 12.64 -3.52
C ASP B 101 23.74 14.02 -3.97
N ALA B 102 24.74 14.55 -3.26
CA ALA B 102 25.43 15.78 -3.64
C ALA B 102 26.27 15.51 -4.89
N CYS B 103 26.87 16.59 -5.43
CA CYS B 103 27.79 16.54 -6.56
C CYS B 103 29.09 15.83 -6.13
N PHE B 104 29.39 14.75 -6.85
CA PHE B 104 30.54 13.92 -6.52
C PHE B 104 31.85 14.62 -6.93
N GLU B 105 31.90 15.16 -8.16
CA GLU B 105 33.10 15.84 -8.64
C GLU B 105 33.55 16.91 -7.64
N GLU B 106 32.57 17.64 -7.07
CA GLU B 106 32.85 18.72 -6.13
C GLU B 106 33.58 18.20 -4.91
N LYS B 107 33.10 17.09 -4.32
CA LYS B 107 33.73 16.43 -3.18
C LYS B 107 35.09 15.80 -3.49
N ALA B 108 35.27 15.26 -4.72
CA ALA B 108 36.48 14.55 -5.15
C ALA B 108 37.65 15.53 -5.33
N GLN B 109 37.34 16.83 -5.37
CA GLN B 109 38.36 17.86 -5.40
C GLN B 109 38.57 18.42 -3.98
N THR B 110 38.54 17.52 -2.97
CA THR B 110 38.74 17.84 -1.56
C THR B 110 39.79 16.88 -0.96
N ARG B 117 41.73 11.77 -10.39
CA ARG B 117 42.25 10.53 -9.77
C ARG B 117 42.26 9.38 -10.79
N GLN B 118 43.27 8.50 -10.65
CA GLN B 118 43.47 7.36 -11.52
C GLN B 118 42.85 6.08 -10.94
N TRP B 119 42.41 6.14 -9.68
CA TRP B 119 41.59 5.16 -9.02
C TRP B 119 40.41 4.72 -9.89
N GLY B 120 40.15 3.40 -9.86
CA GLY B 120 39.00 2.77 -10.49
C GLY B 120 37.68 3.34 -9.95
N ARG B 121 37.64 3.61 -8.63
CA ARG B 121 36.44 4.10 -7.95
C ARG B 121 36.09 5.50 -8.48
N TYR B 122 37.00 6.48 -8.29
CA TYR B 122 36.79 7.84 -8.74
C TYR B 122 36.34 7.87 -10.20
N ARG B 123 37.03 7.10 -11.03
CA ARG B 123 36.75 7.12 -12.45
C ARG B 123 35.34 6.60 -12.77
N HIS B 124 34.91 5.55 -12.08
CA HIS B 124 33.58 5.03 -12.31
C HIS B 124 32.49 6.05 -11.91
N PHE B 125 32.57 6.59 -10.68
CA PHE B 125 31.55 7.46 -10.13
C PHE B 125 31.54 8.82 -10.83
N ALA B 126 32.71 9.36 -11.20
CA ALA B 126 32.72 10.58 -12.00
C ALA B 126 32.08 10.32 -13.37
N GLY B 127 32.46 9.23 -14.04
CA GLY B 127 31.83 8.87 -15.32
C GLY B 127 30.30 8.65 -15.23
N TYR B 128 29.82 8.02 -14.13
CA TYR B 128 28.37 7.79 -13.95
C TYR B 128 27.64 9.12 -13.68
N GLU B 129 28.29 10.02 -12.93
CA GLU B 129 27.71 11.34 -12.71
C GLU B 129 27.61 12.10 -14.04
N ARG B 130 28.70 12.08 -14.81
CA ARG B 130 28.72 12.69 -16.13
C ARG B 130 27.62 12.11 -17.03
N ALA B 131 27.39 10.81 -16.90
CA ALA B 131 26.41 10.13 -17.72
C ALA B 131 25.05 10.85 -17.60
N VAL B 132 24.73 11.33 -16.39
CA VAL B 132 23.51 12.12 -16.12
C VAL B 132 23.64 13.60 -16.48
N PHE B 133 24.73 14.26 -16.02
CA PHE B 133 24.80 15.72 -16.01
C PHE B 133 25.49 16.35 -17.22
N ASP B 134 26.07 15.53 -18.08
CA ASP B 134 26.63 16.02 -19.34
C ASP B 134 25.58 16.73 -20.20
N PRO B 135 25.94 17.88 -20.85
CA PRO B 135 24.99 18.61 -21.70
C PRO B 135 24.43 17.79 -22.88
N ALA B 136 25.11 16.69 -23.24
CA ALA B 136 24.60 15.73 -24.21
C ALA B 136 23.53 14.82 -23.59
N SER B 137 23.47 14.67 -22.27
CA SER B 137 22.48 13.74 -21.72
C SER B 137 21.08 14.38 -21.81
N LYS B 138 20.06 13.52 -21.98
CA LYS B 138 18.64 13.90 -21.99
C LYS B 138 18.01 13.77 -20.59
N THR B 139 18.76 13.26 -19.62
CA THR B 139 18.21 13.03 -18.28
C THR B 139 17.63 14.31 -17.66
N GLU B 140 16.35 14.28 -17.24
CA GLU B 140 15.76 15.36 -16.45
C GLU B 140 16.13 15.14 -14.99
N ILE B 141 16.42 16.22 -14.25
CA ILE B 141 17.00 16.11 -12.92
C ILE B 141 16.03 16.72 -11.89
N LEU B 142 15.79 15.96 -10.81
CA LEU B 142 14.98 16.40 -9.70
C LEU B 142 15.90 16.73 -8.53
N MET B 143 15.94 18.04 -8.23
CA MET B 143 16.81 18.56 -7.20
C MET B 143 16.01 18.63 -5.92
N ILE B 144 16.66 18.30 -4.81
CA ILE B 144 16.14 18.49 -3.47
C ILE B 144 17.06 19.39 -2.64
N SER B 145 18.34 19.50 -2.98
CA SER B 145 19.19 20.53 -2.38
C SER B 145 19.39 21.65 -3.38
N GLU B 146 18.99 22.89 -3.05
CA GLU B 146 19.16 24.00 -3.98
C GLU B 146 20.64 24.36 -4.16
N VAL B 147 21.44 24.17 -3.11
CA VAL B 147 22.86 24.54 -3.08
C VAL B 147 23.67 23.79 -4.15
N GLN B 148 23.23 22.60 -4.54
CA GLN B 148 24.03 21.72 -5.36
C GLN B 148 23.87 21.96 -6.86
N GLN B 149 22.77 22.63 -7.28
CA GLN B 149 22.52 22.85 -8.70
C GLN B 149 23.70 23.60 -9.33
N PRO B 150 24.16 24.74 -8.75
CA PRO B 150 25.33 25.45 -9.27
C PRO B 150 26.63 24.63 -9.29
N LEU B 151 26.77 23.65 -8.41
CA LEU B 151 27.98 22.84 -8.41
C LEU B 151 27.97 21.82 -9.56
N PHE B 152 26.78 21.24 -9.89
CA PHE B 152 26.57 20.43 -11.09
C PHE B 152 26.84 21.23 -12.36
N VAL B 153 26.31 22.45 -12.48
CA VAL B 153 26.57 23.27 -13.65
C VAL B 153 28.06 23.61 -13.76
N LYS B 154 28.68 23.94 -12.64
CA LYS B 154 30.10 24.27 -12.61
C LYS B 154 30.95 23.12 -13.16
N HIS B 155 30.64 21.88 -12.74
CA HIS B 155 31.41 20.70 -13.12
C HIS B 155 31.05 20.17 -14.51
N TYR B 156 29.82 20.43 -14.99
CA TYR B 156 29.33 19.72 -16.16
C TYR B 156 28.75 20.67 -17.21
N GLY B 157 28.33 21.87 -16.83
CA GLY B 157 27.73 22.77 -17.80
C GLY B 157 26.26 22.44 -18.10
N THR B 158 25.62 21.65 -17.23
CA THR B 158 24.26 21.20 -17.44
C THR B 158 23.31 22.35 -17.68
N GLN B 159 22.44 22.21 -18.69
CA GLN B 159 21.45 23.24 -19.04
C GLN B 159 20.45 23.47 -17.90
N ALA B 160 20.14 24.74 -17.61
CA ALA B 160 19.25 25.12 -16.51
C ALA B 160 17.86 24.48 -16.66
N GLU B 161 17.35 24.33 -17.90
CA GLU B 161 15.98 23.86 -18.15
C GLU B 161 15.81 22.39 -17.72
N ARG B 162 16.92 21.69 -17.48
CA ARG B 162 16.87 20.29 -17.10
C ARG B 162 16.77 20.07 -15.58
N PHE B 163 16.90 21.11 -14.75
CA PHE B 163 16.84 20.98 -13.29
C PHE B 163 15.48 21.41 -12.76
N HIS B 164 14.90 20.63 -11.83
CA HIS B 164 13.59 20.94 -11.23
C HIS B 164 13.71 20.76 -9.73
N LEU B 165 13.60 21.87 -8.97
CA LEU B 165 13.74 21.82 -7.51
C LEU B 165 12.41 21.34 -6.94
N LEU B 166 12.47 20.35 -6.05
CA LEU B 166 11.32 19.83 -5.33
C LEU B 166 11.33 20.40 -3.92
N PRO B 167 10.15 20.55 -3.27
CA PRO B 167 10.11 20.79 -1.83
C PRO B 167 10.46 19.50 -1.06
N PRO B 168 10.60 19.56 0.28
CA PRO B 168 10.82 18.34 1.07
C PRO B 168 9.60 17.44 1.03
N GLY B 169 9.79 16.19 1.44
CA GLY B 169 8.75 15.19 1.46
C GLY B 169 8.68 14.43 2.78
N ILE B 170 8.60 15.15 3.90
CA ILE B 170 8.37 14.54 5.21
C ILE B 170 7.01 13.83 5.20
N SER B 171 6.94 12.60 5.77
CA SER B 171 5.69 11.84 5.83
C SER B 171 4.79 12.36 6.95
N GLN B 172 3.49 12.09 6.81
CA GLN B 172 2.50 12.66 7.70
C GLN B 172 2.70 12.17 9.14
N ASP B 173 3.10 10.92 9.30
CA ASP B 173 3.23 10.32 10.63
C ASP B 173 4.37 10.95 11.42
N ARG B 174 5.23 11.79 10.80
CA ARG B 174 6.24 12.50 11.59
C ARG B 174 5.65 13.77 12.23
N ARG B 175 4.45 14.19 11.80
CA ARG B 175 3.85 15.38 12.37
C ARG B 175 3.38 15.09 13.79
N ALA B 176 3.66 16.01 14.73
CA ALA B 176 3.28 15.80 16.13
C ALA B 176 1.77 15.53 16.21
N PRO B 177 1.28 14.37 16.74
CA PRO B 177 -0.15 14.07 16.70
C PRO B 177 -0.94 14.74 17.82
N ALA B 178 -2.27 14.60 17.78
CA ALA B 178 -3.17 15.03 18.84
C ALA B 178 -2.71 14.49 20.21
N ASN B 179 -2.30 13.21 20.24
CA ASN B 179 -1.96 12.57 21.49
C ASN B 179 -0.44 12.59 21.73
N ALA B 180 0.25 13.70 21.41
CA ALA B 180 1.70 13.74 21.45
C ALA B 180 2.21 13.55 22.87
N ALA B 181 1.54 14.19 23.83
CA ALA B 181 2.05 14.18 25.20
C ALA B 181 1.99 12.75 25.77
N ASP B 182 0.98 11.96 25.37
CA ASP B 182 0.83 10.58 25.83
C ASP B 182 1.85 9.67 25.15
N VAL B 183 2.12 9.88 23.84
CA VAL B 183 3.16 9.14 23.16
C VAL B 183 4.52 9.39 23.85
N ARG B 184 4.78 10.64 24.19
CA ARG B 184 6.04 11.05 24.81
C ARG B 184 6.17 10.37 26.18
N ALA B 185 5.11 10.45 27.02
CA ALA B 185 5.09 9.80 28.34
C ALA B 185 5.34 8.29 28.21
N GLU B 186 4.66 7.63 27.27
CA GLU B 186 4.79 6.20 27.10
C GLU B 186 6.21 5.81 26.66
N PHE B 187 6.81 6.59 25.74
CA PHE B 187 8.17 6.35 25.27
C PHE B 187 9.15 6.55 26.42
N ARG B 188 9.00 7.63 27.21
CA ARG B 188 9.96 7.94 28.26
C ARG B 188 9.87 6.94 29.41
N ARG B 189 8.66 6.48 29.75
CA ARG B 189 8.54 5.36 30.69
C ARG B 189 9.32 4.14 30.18
N GLU B 190 9.13 3.79 28.91
CA GLU B 190 9.73 2.62 28.32
C GLU B 190 11.26 2.71 28.38
N PHE B 191 11.85 3.87 28.07
CA PHE B 191 13.30 4.03 28.11
C PHE B 191 13.79 4.44 29.51
N GLY B 192 12.90 4.49 30.52
CA GLY B 192 13.27 4.82 31.88
C GLY B 192 13.78 6.26 32.00
N LEU B 193 13.09 7.20 31.35
CA LEU B 193 13.52 8.61 31.31
C LEU B 193 12.57 9.41 32.19
N GLU B 194 13.10 9.98 33.28
CA GLU B 194 12.38 10.81 34.22
C GLU B 194 12.28 12.22 33.60
N GLU B 195 11.42 13.06 34.19
CA GLU B 195 11.23 14.44 33.78
C GLU B 195 12.53 15.24 33.73
N ASP B 196 13.49 14.92 34.60
CA ASP B 196 14.72 15.68 34.73
C ASP B 196 15.85 15.08 33.87
N ASP B 197 15.62 13.91 33.24
CA ASP B 197 16.63 13.34 32.37
C ASP B 197 16.57 13.99 30.97
N LEU B 198 17.72 14.07 30.30
CA LEU B 198 17.81 14.65 28.95
C LEU B 198 18.25 13.57 27.96
N LEU B 199 17.45 13.35 26.92
CA LEU B 199 17.81 12.42 25.85
C LEU B 199 18.22 13.16 24.59
N LEU B 200 19.47 12.89 24.13
CA LEU B 200 19.94 13.27 22.80
C LEU B 200 19.69 12.09 21.88
N VAL B 201 19.16 12.35 20.67
CA VAL B 201 19.04 11.30 19.67
C VAL B 201 19.94 11.65 18.49
N GLN B 202 20.64 10.63 17.97
CA GLN B 202 21.27 10.69 16.66
C GLN B 202 20.56 9.67 15.77
N ILE B 203 19.97 10.15 14.69
CA ILE B 203 19.06 9.31 13.92
C ILE B 203 19.52 9.22 12.47
N GLY B 204 19.62 7.97 12.00
CA GLY B 204 19.84 7.71 10.59
C GLY B 204 21.14 6.93 10.35
N SER B 205 21.12 6.06 9.31
CA SER B 205 22.26 5.22 8.98
C SER B 205 23.37 6.08 8.38
N GLY B 206 24.63 5.63 8.53
CA GLY B 206 25.79 6.42 8.17
C GLY B 206 26.28 7.27 9.35
N PHE B 207 26.44 6.62 10.51
CA PHE B 207 26.78 7.30 11.74
C PHE B 207 28.05 8.14 11.57
N LYS B 208 29.02 7.60 10.85
CA LYS B 208 30.32 8.25 10.76
C LYS B 208 30.20 9.62 10.07
N THR B 209 29.62 9.70 8.86
N THR B 209 29.61 9.63 8.86
CA THR B 209 29.57 10.98 8.16
CA THR B 209 29.43 10.83 8.06
C THR B 209 28.44 11.86 8.68
C THR B 209 28.53 11.83 8.78
N LYS B 210 27.52 11.30 9.48
CA LYS B 210 26.52 12.11 10.18
C LYS B 210 27.07 12.59 11.52
N GLY B 211 28.33 12.22 11.87
CA GLY B 211 29.03 12.85 12.97
C GLY B 211 28.78 12.27 14.37
N LEU B 212 28.47 10.99 14.46
CA LEU B 212 28.24 10.35 15.75
C LEU B 212 29.48 10.47 16.64
N ASP B 213 30.68 10.34 16.06
CA ASP B 213 31.93 10.53 16.80
C ASP B 213 31.98 11.89 17.50
N ARG B 214 31.49 12.93 16.84
CA ARG B 214 31.49 14.30 17.38
C ARG B 214 30.41 14.44 18.46
N SER B 215 29.25 13.80 18.22
CA SER B 215 28.16 13.83 19.17
C SER B 215 28.60 13.15 20.47
N LEU B 216 29.40 12.06 20.37
CA LEU B 216 29.86 11.33 21.55
C LEU B 216 30.85 12.17 22.37
N LYS B 217 31.77 12.88 21.68
CA LYS B 217 32.74 13.75 22.36
C LYS B 217 32.02 14.93 23.04
N ALA B 218 31.04 15.54 22.37
CA ALA B 218 30.24 16.62 22.95
C ALA B 218 29.53 16.17 24.23
N LEU B 219 28.92 14.96 24.20
CA LEU B 219 28.23 14.41 25.37
C LEU B 219 29.24 14.21 26.49
N SER B 220 30.41 13.68 26.12
CA SER B 220 31.46 13.43 27.09
C SER B 220 31.94 14.73 27.71
N ALA B 221 31.95 15.82 26.94
CA ALA B 221 32.57 17.06 27.39
C ALA B 221 31.58 17.90 28.23
N LEU B 222 30.33 17.49 28.39
CA LEU B 222 29.38 18.31 29.13
C LEU B 222 29.90 18.51 30.57
N PRO B 223 29.63 19.65 31.24
CA PRO B 223 29.98 19.79 32.66
C PRO B 223 29.20 18.76 33.49
N LYS B 224 29.77 18.39 34.66
CA LYS B 224 29.33 17.29 35.53
C LYS B 224 27.80 17.20 35.63
N ALA B 225 27.14 18.35 35.84
CA ALA B 225 25.73 18.43 36.20
C ALA B 225 24.80 18.02 35.05
N LEU B 226 25.13 18.46 33.84
CA LEU B 226 24.41 18.05 32.66
C LEU B 226 24.79 16.62 32.32
N ARG B 227 26.09 16.34 32.31
CA ARG B 227 26.59 15.04 31.84
C ARG B 227 25.89 13.87 32.55
N ARG B 228 25.64 14.00 33.87
CA ARG B 228 24.95 12.98 34.66
C ARG B 228 23.49 12.84 34.26
N ARG B 229 22.90 13.92 33.77
CA ARG B 229 21.48 13.90 33.45
C ARG B 229 21.21 13.36 32.04
N THR B 230 22.25 13.23 31.22
CA THR B 230 22.06 13.19 29.77
C THR B 230 22.46 11.82 29.24
N ARG B 231 21.63 11.29 28.35
CA ARG B 231 21.92 10.06 27.61
C ARG B 231 21.81 10.33 26.12
N LEU B 232 22.43 9.46 25.30
CA LEU B 232 22.23 9.49 23.87
C LEU B 232 21.78 8.12 23.34
N ILE B 233 20.86 8.15 22.37
CA ILE B 233 20.48 6.99 21.58
C ILE B 233 20.70 7.29 20.10
N ALA B 234 21.47 6.41 19.44
CA ALA B 234 21.69 6.47 18.02
C ALA B 234 20.93 5.31 17.41
N ILE B 235 20.36 5.54 16.22
CA ILE B 235 19.47 4.61 15.57
C ILE B 235 19.81 4.53 14.08
N GLY B 236 20.30 3.38 13.63
CA GLY B 236 20.62 3.19 12.23
C GLY B 236 21.10 1.76 12.00
N GLN B 237 21.25 1.38 10.73
CA GLN B 237 21.60 0.02 10.37
C GLN B 237 23.10 -0.27 10.58
N ASP B 238 23.93 0.75 10.84
CA ASP B 238 25.37 0.58 10.90
C ASP B 238 25.81 -0.41 11.97
N ASP B 239 27.05 -0.87 11.76
CA ASP B 239 27.73 -1.73 12.70
C ASP B 239 28.14 -0.86 13.87
N PRO B 240 27.65 -1.17 15.09
CA PRO B 240 27.94 -0.34 16.24
C PRO B 240 29.39 -0.42 16.72
N LYS B 241 30.14 -1.40 16.24
CA LYS B 241 31.31 -1.90 16.94
C LYS B 241 32.42 -0.82 17.00
N PRO B 242 32.69 -0.01 15.93
CA PRO B 242 33.67 1.06 16.06
C PRO B 242 33.29 2.10 17.12
N PHE B 243 31.98 2.29 17.35
CA PHE B 243 31.52 3.32 18.27
C PHE B 243 31.58 2.80 19.70
N LEU B 244 31.35 1.49 19.86
CA LEU B 244 31.46 0.86 21.16
C LEU B 244 32.82 1.17 21.78
N LEU B 245 33.86 1.22 20.96
CA LEU B 245 35.22 1.51 21.45
C LEU B 245 35.38 2.98 21.86
N GLN B 246 34.85 3.87 21.03
CA GLN B 246 34.87 5.29 21.34
C GLN B 246 34.07 5.54 22.63
N ILE B 247 32.88 4.92 22.71
CA ILE B 247 32.00 5.04 23.86
C ILE B 247 32.71 4.60 25.14
N ALA B 248 33.48 3.47 25.10
CA ALA B 248 34.19 2.95 26.26
C ALA B 248 35.29 3.93 26.69
N ALA B 249 36.01 4.46 25.70
CA ALA B 249 37.15 5.33 25.94
C ALA B 249 36.73 6.64 26.57
N LEU B 250 35.55 7.17 26.21
CA LEU B 250 35.06 8.39 26.83
C LEU B 250 34.31 8.06 28.14
N GLY B 251 34.32 6.79 28.54
CA GLY B 251 33.57 6.32 29.70
C GLY B 251 32.09 6.72 29.66
N LEU B 252 31.38 6.26 28.63
CA LEU B 252 30.00 6.63 28.37
C LEU B 252 29.13 5.38 28.28
N ASN B 253 29.63 4.21 28.76
CA ASN B 253 28.98 2.93 28.49
C ASN B 253 27.57 2.91 29.08
N ASP B 254 27.35 3.58 30.20
CA ASP B 254 26.05 3.54 30.83
C ASP B 254 25.18 4.69 30.35
N GLN B 255 25.59 5.38 29.26
CA GLN B 255 24.93 6.61 28.86
C GLN B 255 24.56 6.65 27.37
N VAL B 256 24.96 5.64 26.59
CA VAL B 256 24.73 5.61 25.16
C VAL B 256 24.16 4.26 24.80
N GLN B 257 23.18 4.22 23.89
CA GLN B 257 22.72 2.99 23.27
C GLN B 257 22.72 3.21 21.76
N ILE B 258 23.08 2.17 21.01
CA ILE B 258 23.06 2.21 19.56
C ILE B 258 22.10 1.12 19.11
N LEU B 259 20.92 1.53 18.61
CA LEU B 259 19.88 0.63 18.16
C LEU B 259 19.97 0.46 16.64
N LYS B 260 19.52 -0.70 16.16
CA LYS B 260 19.33 -0.96 14.75
C LYS B 260 18.09 -0.20 14.28
N GLY B 261 18.00 -0.05 12.93
CA GLY B 261 16.89 0.56 12.22
C GLY B 261 15.54 0.20 12.81
N ARG B 262 14.62 1.18 12.94
CA ARG B 262 13.27 0.87 13.37
C ARG B 262 12.24 1.82 12.76
N SER B 263 10.97 1.42 12.89
CA SER B 263 9.90 2.03 12.13
C SER B 263 9.05 2.92 13.03
N ASP B 264 9.50 3.18 14.26
CA ASP B 264 8.77 3.99 15.22
C ASP B 264 9.62 5.22 15.62
N ILE B 265 10.23 5.82 14.59
CA ILE B 265 11.08 7.00 14.76
C ILE B 265 10.26 8.15 15.37
N PRO B 266 8.99 8.40 14.96
CA PRO B 266 8.20 9.48 15.56
C PRO B 266 8.13 9.44 17.09
N ARG B 267 8.16 8.25 17.69
CA ARG B 267 8.13 8.16 19.15
C ARG B 267 9.45 8.66 19.74
N PHE B 268 10.57 8.34 19.07
CA PHE B 268 11.85 8.86 19.52
C PHE B 268 11.88 10.38 19.39
N LEU B 269 11.33 10.91 18.27
CA LEU B 269 11.30 12.35 18.04
C LEU B 269 10.51 13.06 19.13
N LEU B 270 9.39 12.45 19.56
CA LEU B 270 8.54 13.05 20.56
C LEU B 270 9.11 12.87 21.96
N GLY B 271 9.85 11.78 22.17
CA GLY B 271 10.26 11.40 23.51
C GLY B 271 11.61 11.99 23.90
N ALA B 272 12.35 12.54 22.91
CA ALA B 272 13.68 13.08 23.09
C ALA B 272 13.62 14.56 23.50
N ASP B 273 14.80 15.10 23.83
CA ASP B 273 14.89 16.50 24.25
C ASP B 273 15.71 17.30 23.23
N LEU B 274 16.58 16.62 22.46
CA LEU B 274 17.41 17.30 21.46
C LEU B 274 17.82 16.29 20.40
N LEU B 275 17.67 16.66 19.12
CA LEU B 275 18.32 15.90 18.06
C LEU B 275 19.67 16.55 17.79
N ILE B 276 20.72 15.74 17.84
CA ILE B 276 22.08 16.17 17.54
C ILE B 276 22.51 15.52 16.21
N HIS B 277 22.98 16.37 15.28
CA HIS B 277 23.29 15.93 13.92
C HIS B 277 24.49 16.75 13.42
N PRO B 278 25.72 16.52 13.93
CA PRO B 278 26.89 17.28 13.50
C PRO B 278 27.67 16.61 12.36
N ALA B 279 26.95 16.47 11.23
CA ALA B 279 27.41 15.77 10.05
C ALA B 279 28.61 16.50 9.41
N TYR B 280 29.54 15.69 8.91
CA TYR B 280 30.65 16.10 8.06
C TYR B 280 30.07 16.70 6.77
N ASN B 281 29.11 15.98 6.18
CA ASN B 281 28.42 16.46 4.98
C ASN B 281 27.05 15.76 4.88
N GLU B 282 26.12 16.43 4.21
CA GLU B 282 24.76 15.92 4.10
C GLU B 282 24.07 16.78 3.04
N ASN B 283 23.67 16.15 1.94
CA ASN B 283 22.93 16.75 0.84
C ASN B 283 21.75 17.60 1.37
N THR B 284 20.85 16.98 2.18
CA THR B 284 19.67 17.63 2.77
C THR B 284 19.71 17.46 4.30
N GLY B 285 19.15 16.34 4.77
CA GLY B 285 19.05 15.99 6.18
C GLY B 285 17.58 15.83 6.58
N THR B 286 16.93 14.81 6.02
CA THR B 286 15.53 14.48 6.32
C THR B 286 15.22 14.60 7.80
N VAL B 287 16.07 14.01 8.66
CA VAL B 287 15.78 13.92 10.09
C VAL B 287 15.71 15.32 10.73
N LEU B 288 16.29 16.36 10.09
CA LEU B 288 16.34 17.70 10.63
C LEU B 288 14.91 18.25 10.61
N LEU B 289 14.21 18.03 9.50
CA LEU B 289 12.84 18.47 9.33
C LEU B 289 11.89 17.57 10.13
N GLU B 290 12.22 16.29 10.25
CA GLU B 290 11.40 15.43 11.08
C GLU B 290 11.39 15.89 12.55
N ALA B 291 12.57 16.19 13.10
CA ALA B 291 12.65 16.78 14.44
C ALA B 291 11.81 18.08 14.50
N LEU B 292 12.00 18.95 13.51
CA LEU B 292 11.30 20.22 13.47
C LEU B 292 9.77 20.07 13.57
N VAL B 293 9.14 19.22 12.72
CA VAL B 293 7.71 18.97 12.75
C VAL B 293 7.27 18.20 14.01
N SER B 294 8.21 17.59 14.77
CA SER B 294 7.89 16.95 16.03
C SER B 294 8.13 17.87 17.21
N GLY B 295 8.55 19.11 16.95
CA GLY B 295 8.83 20.05 18.02
C GLY B 295 10.08 19.67 18.79
N LEU B 296 10.99 18.91 18.17
CA LEU B 296 12.22 18.49 18.82
C LEU B 296 13.33 19.43 18.39
N PRO B 297 13.96 20.20 19.33
CA PRO B 297 15.00 21.16 18.98
C PRO B 297 16.18 20.42 18.36
N VAL B 298 16.82 21.06 17.37
CA VAL B 298 17.90 20.49 16.58
C VAL B 298 19.21 21.28 16.81
N LEU B 299 20.33 20.56 17.01
CA LEU B 299 21.70 21.06 16.87
C LEU B 299 22.34 20.38 15.66
N VAL B 300 22.73 21.19 14.65
CA VAL B 300 23.10 20.74 13.31
C VAL B 300 24.24 21.63 12.78
N THR B 301 25.17 21.03 12.01
CA THR B 301 26.21 21.78 11.30
C THR B 301 25.65 22.48 10.05
N ASP B 302 26.30 23.57 9.63
CA ASP B 302 25.78 24.44 8.57
C ASP B 302 25.92 23.77 7.19
N VAL B 303 26.81 22.77 7.05
CA VAL B 303 27.05 22.07 5.80
C VAL B 303 25.80 21.37 5.30
N CYS B 304 24.93 20.98 6.23
CA CYS B 304 23.73 20.23 5.87
C CYS B 304 22.78 21.11 5.06
N GLY B 305 22.31 20.53 3.94
CA GLY B 305 21.48 21.26 2.99
C GLY B 305 20.19 21.81 3.58
N TYR B 306 19.63 21.12 4.62
CA TYR B 306 18.35 21.50 5.24
C TYR B 306 18.58 22.23 6.56
N ALA B 307 19.85 22.58 6.87
CA ALA B 307 20.22 23.32 8.07
C ALA B 307 19.51 24.67 8.13
N HIS B 308 19.26 25.28 6.96
CA HIS B 308 18.78 26.65 6.87
C HIS B 308 17.36 26.72 7.45
N TYR B 309 16.60 25.62 7.25
CA TYR B 309 15.24 25.48 7.77
C TYR B 309 15.23 25.63 9.29
N ILE B 310 16.30 25.11 9.96
CA ILE B 310 16.40 25.19 11.41
C ILE B 310 16.62 26.65 11.84
N ALA B 311 17.46 27.42 11.14
CA ALA B 311 17.69 28.82 11.49
C ALA B 311 16.44 29.66 11.20
N GLU B 312 15.84 29.43 10.02
CA GLU B 312 14.68 30.16 9.54
C GLU B 312 13.47 29.94 10.44
N ALA B 313 13.26 28.70 10.91
CA ALA B 313 12.10 28.45 11.77
C ALA B 313 12.42 28.82 13.22
N ASP B 314 13.71 29.12 13.49
CA ASP B 314 14.23 29.31 14.84
C ASP B 314 13.83 28.12 15.72
N ALA B 315 14.21 26.92 15.24
CA ALA B 315 13.79 25.67 15.85
C ALA B 315 15.00 24.85 16.33
N GLY B 316 16.05 25.57 16.73
CA GLY B 316 17.33 25.03 17.16
C GLY B 316 18.50 25.99 16.83
N ARG B 317 19.71 25.44 16.74
CA ARG B 317 20.93 26.16 16.43
C ARG B 317 21.72 25.43 15.34
N VAL B 318 22.30 26.23 14.44
CA VAL B 318 23.21 25.76 13.41
C VAL B 318 24.67 26.08 13.76
N LEU B 319 25.55 25.08 13.83
CA LEU B 319 26.95 25.34 14.13
C LEU B 319 27.70 25.78 12.85
N PRO B 320 28.33 26.99 12.85
CA PRO B 320 29.05 27.50 11.66
C PRO B 320 30.38 26.78 11.38
N SER B 321 30.71 26.64 10.08
CA SER B 321 31.96 26.09 9.60
C SER B 321 33.10 27.12 9.76
N PRO B 322 34.38 26.76 9.98
CA PRO B 322 34.84 25.36 9.96
C PRO B 322 34.43 24.62 11.24
N PHE B 323 34.25 23.29 11.17
CA PHE B 323 33.87 22.58 12.38
C PHE B 323 35.00 22.65 13.41
N GLU B 324 34.64 22.99 14.65
CA GLU B 324 35.56 22.85 15.77
C GLU B 324 34.81 22.16 16.90
N GLN B 325 35.38 21.07 17.45
CA GLN B 325 34.71 20.22 18.42
C GLN B 325 34.30 21.03 19.64
N ASP B 326 35.16 22.02 19.98
CA ASP B 326 35.03 22.87 21.15
C ASP B 326 33.78 23.73 21.08
N SER B 327 33.49 24.24 19.88
CA SER B 327 32.30 25.05 19.64
C SER B 327 31.03 24.19 19.67
N LEU B 328 31.12 22.92 19.19
CA LEU B 328 30.03 21.96 19.33
C LEU B 328 29.79 21.66 20.80
N ASN B 329 30.91 21.39 21.51
CA ASN B 329 30.88 21.06 22.93
C ASN B 329 30.15 22.16 23.69
N ARG B 330 30.56 23.41 23.44
CA ARG B 330 30.00 24.59 24.08
C ARG B 330 28.52 24.76 23.72
N LEU B 331 28.15 24.53 22.45
CA LEU B 331 26.78 24.84 22.02
C LEU B 331 25.79 23.83 22.62
N LEU B 332 26.19 22.56 22.69
CA LEU B 332 25.39 21.50 23.28
C LEU B 332 25.14 21.80 24.76
N ALA B 333 26.21 22.10 25.53
CA ALA B 333 26.10 22.60 26.90
C ALA B 333 25.11 23.77 27.00
N GLU B 334 25.24 24.83 26.18
CA GLU B 334 24.34 25.97 26.36
C GLU B 334 22.89 25.63 26.03
N MET B 335 22.67 24.72 25.05
CA MET B 335 21.32 24.40 24.62
C MET B 335 20.63 23.57 25.71
N LEU B 336 21.42 22.67 26.33
CA LEU B 336 20.93 21.79 27.38
C LEU B 336 20.65 22.60 28.64
N GLU B 337 21.53 23.57 28.95
CA GLU B 337 21.38 24.42 30.13
C GLU B 337 20.14 25.28 30.03
N ASP B 338 19.80 25.74 28.82
CA ASP B 338 18.75 26.74 28.65
C ASP B 338 17.44 26.08 28.28
N ALA B 339 16.67 25.70 29.31
CA ALA B 339 15.36 25.09 29.12
C ALA B 339 14.35 26.04 28.51
N PRO B 340 14.34 27.36 28.88
CA PRO B 340 13.44 28.31 28.22
C PRO B 340 13.65 28.32 26.71
N ALA B 341 14.91 28.40 26.30
CA ALA B 341 15.27 28.40 24.89
C ALA B 341 14.68 27.18 24.14
N ARG B 342 14.81 25.98 24.76
CA ARG B 342 14.35 24.72 24.17
C ARG B 342 12.84 24.66 24.08
N ALA B 343 12.12 25.14 25.10
CA ALA B 343 10.68 25.24 25.01
C ALA B 343 10.28 26.14 23.84
N ALA B 344 11.02 27.24 23.62
CA ALA B 344 10.71 28.15 22.52
C ALA B 344 11.05 27.51 21.16
N TRP B 345 12.25 26.96 21.03
CA TRP B 345 12.64 26.22 19.84
C TRP B 345 11.57 25.19 19.47
N SER B 346 11.01 24.52 20.48
N SER B 346 10.95 24.54 20.46
CA SER B 346 9.99 23.52 20.23
CA SER B 346 9.97 23.50 20.20
C SER B 346 8.76 24.18 19.63
C SER B 346 8.64 24.07 19.73
N ARG B 347 8.19 25.18 20.32
CA ARG B 347 7.03 25.92 19.82
C ARG B 347 7.24 26.42 18.39
N ASN B 348 8.41 27.00 18.13
CA ASN B 348 8.75 27.56 16.82
C ASN B 348 8.61 26.49 15.71
N GLY B 349 9.10 25.27 15.96
CA GLY B 349 9.12 24.22 14.96
C GLY B 349 7.72 23.70 14.69
N LEU B 350 6.95 23.53 15.77
CA LEU B 350 5.57 23.10 15.65
C LEU B 350 4.69 24.07 14.86
N ALA B 351 4.90 25.39 15.07
CA ALA B 351 4.17 26.42 14.36
C ALA B 351 4.59 26.45 12.88
N TYR B 352 5.91 26.37 12.63
CA TYR B 352 6.46 26.41 11.29
C TYR B 352 5.94 25.24 10.46
N ALA B 353 5.87 24.04 11.07
CA ALA B 353 5.36 22.83 10.43
C ALA B 353 3.95 23.04 9.86
N ASP B 354 3.22 24.02 10.39
CA ASP B 354 1.82 24.23 10.07
C ASP B 354 1.63 25.16 8.85
N HIS B 355 2.70 25.89 8.50
CA HIS B 355 2.63 26.86 7.42
C HIS B 355 3.52 26.43 6.23
N ALA B 356 4.64 25.73 6.48
CA ALA B 356 5.65 25.52 5.47
C ALA B 356 5.29 24.26 4.66
N ASP B 357 5.62 24.30 3.37
CA ASP B 357 5.48 23.16 2.48
C ASP B 357 6.70 22.24 2.64
N LEU B 358 6.54 21.27 3.56
CA LEU B 358 7.58 20.28 3.87
C LEU B 358 7.18 18.86 3.44
N TYR B 359 6.02 18.73 2.75
CA TYR B 359 5.29 17.46 2.61
C TYR B 359 5.01 17.07 1.15
N SER B 360 4.97 18.02 0.20
CA SER B 360 4.33 17.77 -1.10
C SER B 360 5.25 17.17 -2.18
N MET B 361 6.51 16.81 -1.84
CA MET B 361 7.47 16.31 -2.82
C MET B 361 6.90 15.22 -3.77
N PRO B 362 6.24 14.12 -3.31
CA PRO B 362 5.87 13.01 -4.20
C PRO B 362 4.89 13.38 -5.31
N GLN B 363 3.94 14.24 -4.98
CA GLN B 363 2.97 14.74 -5.95
C GLN B 363 3.68 15.64 -6.98
N ARG B 364 4.56 16.55 -6.51
N ARG B 364 4.60 16.52 -6.54
CA ARG B 364 5.38 17.36 -7.40
CA ARG B 364 5.32 17.35 -7.48
C ARG B 364 6.21 16.46 -8.30
C ARG B 364 6.28 16.51 -8.32
N ALA B 365 6.94 15.51 -7.70
CA ALA B 365 7.79 14.59 -8.45
C ALA B 365 7.00 13.81 -9.49
N ALA B 366 5.80 13.28 -9.14
CA ALA B 366 5.03 12.48 -10.09
C ALA B 366 4.53 13.38 -11.20
N ASP B 367 4.19 14.63 -10.85
CA ASP B 367 3.81 15.63 -11.82
C ASP B 367 4.91 15.82 -12.87
N LEU B 368 6.18 15.93 -12.43
CA LEU B 368 7.27 16.12 -13.39
C LEU B 368 7.58 14.82 -14.14
N ILE B 369 7.53 13.66 -13.46
CA ILE B 369 7.78 12.36 -14.10
C ILE B 369 6.76 12.11 -15.21
N LEU B 370 5.48 12.47 -14.99
CA LEU B 370 4.40 12.09 -15.88
C LEU B 370 3.91 13.28 -16.72
N GLY B 371 4.19 14.54 -16.34
CA GLY B 371 3.29 15.65 -16.67
C GLY B 371 1.98 15.49 -15.89
#